data_2JLY
#
_entry.id   2JLY
#
_cell.length_a   131.748
_cell.length_b   105.591
_cell.length_c   72.671
_cell.angle_alpha   90.00
_cell.angle_beta   117.68
_cell.angle_gamma   90.00
#
_symmetry.space_group_name_H-M   'C 1 2 1'
#
loop_
_entity.id
_entity.type
_entity.pdbx_description
1 polymer 'SERINE PROTEASE SUBUNIT NS3'
2 polymer "5'-R(*AP*GP*AP*CP*UP*AP*AP*CP*AP*AP*CP*U)-3'"
3 non-polymer "ADENOSINE-5'-DIPHOSPHATE"
4 non-polymer 'PHOSPHATE ION'
5 non-polymer 'MANGANESE (II) ION'
6 non-polymer GLYCEROL
7 water water
#
loop_
_entity_poly.entity_id
_entity_poly.type
_entity_poly.pdbx_seq_one_letter_code
_entity_poly.pdbx_strand_id
1 'polypeptide(L)'
;GSAMGEPDYEVDEDIFRKKRLTIMDLHPGAGKTKRILPSIVREALLRRLRTLILAPTRVVAAEMEEALRGLPIRYQTPAV
KSDHTGREIVDLMCHATFTTRLLSSTRVPNYNLIVMDEAHFTDPCSVAARGYISTRVEMGEAAAIFMTATPPGSTDPFPQ
SNSPIEDIEREIPERSWNTGFDWITDYQGKTVWFVPSIKAGNDIANCLRKSGKRVIQLSRKTFDTEYPKTKLTDWDFVVT
TDISEMGANFRAGRVIDPRRCLKPVILTDGPERVILAGPIPVTPASAAQRRGRIGRNPAQEDDQYVFSGDPLKNDEDHAH
WTEAKMLLDNIYTPEGIIPTLFGPEREKTQAIDGEFRLRGEQRKTFVELMRRGDLPVWLSYKVASAGISYKDREWCFTGE
RNNQILEENMEVEIWTREGEKKKLRPKWLDARVYADPMALKDFKEFASGRK
;
A,B
2 'polyribonucleotide' AGACUAACAACU C,D
#
loop_
_chem_comp.id
_chem_comp.type
_chem_comp.name
_chem_comp.formula
A RNA linking ADENOSINE-5'-MONOPHOSPHATE 'C10 H14 N5 O7 P'
ADP non-polymer ADENOSINE-5'-DIPHOSPHATE 'C10 H15 N5 O10 P2'
C RNA linking CYTIDINE-5'-MONOPHOSPHATE 'C9 H14 N3 O8 P'
G RNA linking GUANOSINE-5'-MONOPHOSPHATE 'C10 H14 N5 O8 P'
GOL non-polymer GLYCEROL 'C3 H8 O3'
MN non-polymer 'MANGANESE (II) ION' 'Mn 2'
PO4 non-polymer 'PHOSPHATE ION' 'O4 P -3'
U RNA linking URIDINE-5'-MONOPHOSPHATE 'C9 H13 N2 O9 P'
#
# COMPACT_ATOMS: atom_id res chain seq x y z
N GLY A 1 32.38 -14.90 0.77
CA GLY A 1 32.33 -14.51 -0.67
C GLY A 1 30.93 -14.60 -1.25
N SER A 2 30.73 -13.94 -2.39
CA SER A 2 29.43 -13.95 -3.06
C SER A 2 29.56 -13.84 -4.58
N ALA A 3 28.47 -14.18 -5.27
CA ALA A 3 28.33 -13.98 -6.71
C ALA A 3 26.86 -13.68 -7.06
N MET A 4 26.60 -13.39 -8.34
CA MET A 4 25.24 -13.20 -8.88
C MET A 4 24.39 -12.12 -8.19
N GLY A 5 25.03 -11.04 -7.73
CA GLY A 5 24.33 -9.97 -7.01
C GLY A 5 23.62 -10.46 -5.76
N GLU A 6 23.88 -11.71 -5.40
CA GLU A 6 23.33 -12.31 -4.19
C GLU A 6 24.16 -11.90 -2.97
N PRO A 7 23.51 -11.85 -1.78
CA PRO A 7 24.17 -11.42 -0.53
C PRO A 7 25.35 -12.31 -0.14
N ASP A 8 26.30 -11.75 0.60
CA ASP A 8 27.46 -12.51 1.09
C ASP A 8 27.10 -13.33 2.33
N TYR A 9 27.51 -14.60 2.31
CA TYR A 9 27.40 -15.51 3.47
C TYR A 9 28.20 -14.97 4.65
N GLU A 10 29.30 -14.29 4.34
CA GLU A 10 30.22 -13.77 5.35
C GLU A 10 29.85 -12.32 5.65
N VAL A 11 29.54 -12.05 6.91
CA VAL A 11 29.25 -10.69 7.38
C VAL A 11 30.13 -10.39 8.58
N ASP A 12 30.66 -9.18 8.63
CA ASP A 12 31.58 -8.75 9.68
C ASP A 12 30.85 -8.56 11.02
N GLU A 13 31.20 -9.37 12.02
CA GLU A 13 30.64 -9.28 13.38
C GLU A 13 30.85 -7.91 14.03
N ASP A 14 31.90 -7.23 13.58
CA ASP A 14 32.30 -5.91 14.03
C ASP A 14 31.18 -4.86 13.93
N ILE A 15 30.37 -4.96 12.89
CA ILE A 15 29.34 -3.95 12.59
C ILE A 15 28.10 -4.01 13.49
N PHE A 16 27.98 -5.10 14.24
CA PHE A 16 26.84 -5.33 15.13
C PHE A 16 27.10 -4.91 16.59
N ARG A 17 28.35 -4.57 16.91
CA ARG A 17 28.71 -4.13 18.26
C ARG A 17 28.08 -2.79 18.61
N LYS A 18 27.49 -2.72 19.81
CA LYS A 18 26.99 -1.48 20.38
C LYS A 18 28.17 -0.55 20.61
N LYS A 19 27.93 0.75 20.44
CA LYS A 19 28.98 1.78 20.43
C LYS A 19 29.71 1.88 19.09
N ARG A 20 29.25 1.11 18.09
CA ARG A 20 29.89 1.10 16.76
C ARG A 20 29.01 1.72 15.68
N LEU A 21 29.49 2.81 15.10
CA LEU A 21 28.87 3.42 13.93
C LEU A 21 29.78 3.13 12.73
N THR A 22 29.22 2.44 11.75
CA THR A 22 29.95 2.11 10.53
C THR A 22 29.47 3.00 9.40
N ILE A 23 30.41 3.69 8.75
CA ILE A 23 30.10 4.50 7.58
C ILE A 23 30.49 3.71 6.33
N MET A 24 29.49 3.25 5.59
CA MET A 24 29.73 2.52 4.35
C MET A 24 29.74 3.48 3.17
N ASP A 25 30.95 3.88 2.82
CA ASP A 25 31.23 4.97 1.90
C ASP A 25 31.60 4.37 0.54
N LEU A 26 30.62 3.74 -0.11
CA LEU A 26 30.89 3.01 -1.35
C LEU A 26 30.22 3.68 -2.56
N HIS A 27 30.89 3.61 -3.70
CA HIS A 27 30.49 4.38 -4.89
C HIS A 27 29.12 4.00 -5.44
N PRO A 28 28.48 4.90 -6.21
CA PRO A 28 27.19 4.57 -6.80
C PRO A 28 27.21 3.25 -7.54
N GLY A 29 26.23 2.40 -7.23
CA GLY A 29 26.07 1.12 -7.90
C GLY A 29 26.93 -0.01 -7.35
N ALA A 30 27.61 0.23 -6.23
CA ALA A 30 28.50 -0.78 -5.63
C ALA A 30 27.74 -1.96 -5.00
N GLY A 31 26.48 -1.74 -4.63
CA GLY A 31 25.65 -2.80 -4.08
C GLY A 31 25.26 -2.58 -2.64
N LYS A 32 25.16 -1.31 -2.24
CA LYS A 32 24.83 -0.93 -0.87
C LYS A 32 23.42 -1.38 -0.50
N THR A 33 22.45 -1.01 -1.33
CA THR A 33 21.03 -1.24 -1.08
C THR A 33 20.61 -2.68 -1.36
N LYS A 34 21.09 -3.23 -2.48
CA LYS A 34 20.55 -4.49 -2.99
C LYS A 34 21.46 -5.72 -2.84
N ARG A 35 22.68 -5.52 -2.34
CA ARG A 35 23.54 -6.67 -2.05
C ARG A 35 24.08 -6.69 -0.62
N ILE A 36 24.60 -5.54 -0.16
CA ILE A 36 25.15 -5.42 1.19
C ILE A 36 24.05 -5.46 2.25
N LEU A 37 23.02 -4.61 2.08
CA LEU A 37 21.90 -4.51 3.02
C LEU A 37 21.20 -5.85 3.36
N PRO A 38 20.83 -6.67 2.34
CA PRO A 38 20.31 -8.01 2.62
C PRO A 38 21.22 -8.92 3.47
N SER A 39 22.53 -8.88 3.23
CA SER A 39 23.50 -9.64 4.04
C SER A 39 23.42 -9.24 5.52
N ILE A 40 23.43 -7.93 5.76
CA ILE A 40 23.32 -7.35 7.11
C ILE A 40 22.01 -7.76 7.77
N VAL A 41 20.90 -7.64 7.04
CA VAL A 41 19.58 -7.96 7.57
C VAL A 41 19.42 -9.44 7.91
N ARG A 42 19.88 -10.33 7.02
CA ARG A 42 19.88 -11.76 7.29
C ARG A 42 20.69 -12.10 8.54
N GLU A 43 21.87 -11.49 8.66
CA GLU A 43 22.74 -11.69 9.82
C GLU A 43 22.18 -11.05 11.10
N ALA A 44 21.42 -9.97 10.95
CA ALA A 44 20.72 -9.33 12.08
C ALA A 44 19.61 -10.21 12.65
N LEU A 45 18.85 -10.84 11.75
CA LEU A 45 17.79 -11.79 12.14
C LEU A 45 18.34 -13.02 12.87
N LEU A 46 19.46 -13.57 12.39
CA LEU A 46 20.13 -14.68 13.06
C LEU A 46 20.64 -14.27 14.44
N ARG A 47 21.10 -13.03 14.55
CA ARG A 47 21.58 -12.48 15.81
C ARG A 47 20.42 -12.04 16.73
N ARG A 48 19.21 -12.06 16.19
CA ARG A 48 17.96 -11.72 16.91
C ARG A 48 17.90 -10.24 17.31
N LEU A 49 18.53 -9.39 16.52
CA LEU A 49 18.59 -7.95 16.82
C LEU A 49 17.34 -7.23 16.36
N ARG A 50 16.79 -6.41 17.26
CA ARG A 50 15.71 -5.49 16.92
C ARG A 50 16.26 -4.43 15.97
N THR A 51 15.79 -4.44 14.73
CA THR A 51 16.46 -3.75 13.62
C THR A 51 15.57 -2.72 12.92
N LEU A 52 16.15 -1.56 12.62
CA LEU A 52 15.47 -0.51 11.85
C LEU A 52 16.21 -0.18 10.55
N ILE A 53 15.49 -0.26 9.43
CA ILE A 53 16.04 0.11 8.12
C ILE A 53 15.39 1.40 7.63
N LEU A 54 16.22 2.36 7.22
CA LEU A 54 15.73 3.71 6.85
C LEU A 54 16.02 4.12 5.41
N ALA A 55 14.97 4.46 4.68
CA ALA A 55 15.07 4.96 3.30
C ALA A 55 14.71 6.45 3.24
N PRO A 56 15.45 7.25 2.45
CA PRO A 56 15.14 8.67 2.37
C PRO A 56 13.80 8.97 1.68
N THR A 57 13.48 8.17 0.67
CA THR A 57 12.31 8.38 -0.16
C THR A 57 11.67 7.02 -0.42
N ARG A 58 10.49 7.03 -1.05
CA ARG A 58 9.78 5.81 -1.39
C ARG A 58 10.44 5.05 -2.56
N VAL A 59 11.20 5.79 -3.38
CA VAL A 59 11.98 5.21 -4.47
C VAL A 59 13.03 4.24 -3.91
N VAL A 60 13.78 4.70 -2.91
CA VAL A 60 14.76 3.86 -2.23
C VAL A 60 14.08 2.70 -1.47
N ALA A 61 12.93 2.99 -0.86
CA ALA A 61 12.16 1.97 -0.14
C ALA A 61 11.71 0.83 -1.05
N ALA A 62 11.25 1.17 -2.25
CA ALA A 62 10.82 0.20 -3.26
C ALA A 62 11.99 -0.67 -3.77
N GLU A 63 13.15 -0.04 -3.90
CA GLU A 63 14.39 -0.74 -4.28
C GLU A 63 14.82 -1.75 -3.22
N MET A 64 14.66 -1.38 -1.96
CA MET A 64 14.97 -2.24 -0.81
C MET A 64 14.08 -3.49 -0.78
N GLU A 65 12.78 -3.30 -0.97
CA GLU A 65 11.80 -4.39 -0.97
C GLU A 65 12.12 -5.48 -2.01
N GLU A 66 12.54 -5.06 -3.21
CA GLU A 66 13.00 -5.99 -4.25
C GLU A 66 14.13 -6.90 -3.74
N ALA A 67 15.09 -6.32 -3.02
CA ALA A 67 16.24 -7.05 -2.48
C ALA A 67 15.92 -7.84 -1.20
N LEU A 68 14.94 -7.37 -0.43
CA LEU A 68 14.62 -7.95 0.85
C LEU A 68 13.38 -8.87 0.81
N ARG A 69 12.82 -9.06 -0.39
CA ARG A 69 11.61 -9.85 -0.57
C ARG A 69 11.78 -11.27 -0.04
N GLY A 70 10.79 -11.73 0.73
CA GLY A 70 10.86 -13.02 1.39
C GLY A 70 11.26 -12.97 2.86
N LEU A 71 12.05 -11.96 3.22
CA LEU A 71 12.51 -11.78 4.61
C LEU A 71 11.39 -11.23 5.51
N PRO A 72 11.32 -11.69 6.78
CA PRO A 72 10.28 -11.22 7.72
C PRO A 72 10.47 -9.76 8.17
N ILE A 73 10.09 -8.84 7.28
CA ILE A 73 10.26 -7.41 7.51
C ILE A 73 8.91 -6.69 7.61
N ARG A 74 8.79 -5.80 8.59
CA ARG A 74 7.62 -4.95 8.73
C ARG A 74 7.83 -3.61 8.00
N TYR A 75 7.11 -3.45 6.88
CA TYR A 75 7.19 -2.22 6.08
C TYR A 75 6.23 -1.14 6.59
N GLN A 76 6.78 0.00 7.00
CA GLN A 76 5.96 1.11 7.48
C GLN A 76 6.02 2.30 6.51
N THR A 77 5.58 2.02 5.28
CA THR A 77 5.61 2.95 4.16
C THR A 77 4.54 2.56 3.15
N PRO A 78 3.75 3.53 2.66
CA PRO A 78 2.77 3.29 1.59
C PRO A 78 3.36 2.73 0.29
N ALA A 79 4.68 2.86 0.12
CA ALA A 79 5.39 2.34 -1.04
C ALA A 79 5.33 0.82 -1.17
N VAL A 80 5.25 0.13 -0.04
CA VAL A 80 5.26 -1.32 -0.01
C VAL A 80 4.03 -1.87 0.72
N LYS A 81 3.38 -2.85 0.10
CA LYS A 81 2.31 -3.60 0.75
C LYS A 81 2.75 -5.05 0.88
N SER A 82 2.74 -5.55 2.11
CA SER A 82 3.05 -6.95 2.40
C SER A 82 2.39 -7.41 3.69
N ASP A 83 2.07 -8.70 3.75
CA ASP A 83 1.47 -9.30 4.95
C ASP A 83 2.47 -9.25 6.10
N HIS A 84 2.01 -8.77 7.26
CA HIS A 84 2.85 -8.78 8.46
C HIS A 84 2.21 -9.54 9.64
N THR A 85 2.98 -10.48 10.19
CA THR A 85 2.53 -11.31 11.31
C THR A 85 2.40 -10.52 12.61
N GLY A 86 3.20 -9.47 12.75
CA GLY A 86 3.21 -8.64 13.95
C GLY A 86 4.35 -8.97 14.89
N ARG A 87 5.03 -10.08 14.62
CA ARG A 87 6.18 -10.52 15.42
C ARG A 87 7.52 -10.25 14.72
N GLU A 88 7.50 -9.39 13.70
CA GLU A 88 8.73 -8.97 13.01
C GLU A 88 9.63 -8.14 13.93
N ILE A 89 10.92 -8.48 13.94
CA ILE A 89 11.93 -7.73 14.69
C ILE A 89 12.70 -6.74 13.79
N VAL A 90 12.38 -6.75 12.50
CA VAL A 90 12.95 -5.82 11.53
C VAL A 90 11.88 -4.87 10.97
N ASP A 91 12.09 -3.57 11.19
CA ASP A 91 11.19 -2.52 10.68
C ASP A 91 11.85 -1.75 9.57
N LEU A 92 11.09 -1.43 8.53
CA LEU A 92 11.57 -0.57 7.43
C LEU A 92 10.63 0.62 7.25
N MET A 93 11.21 1.82 7.16
CA MET A 93 10.44 3.06 6.95
C MET A 93 11.32 4.16 6.37
N CYS A 94 10.71 5.29 6.02
CA CYS A 94 11.46 6.43 5.51
C CYS A 94 12.05 7.29 6.64
N HIS A 95 13.10 8.04 6.31
CA HIS A 95 13.82 8.89 7.27
C HIS A 95 12.88 9.79 8.05
N ALA A 96 12.01 10.50 7.33
CA ALA A 96 11.09 11.46 7.94
C ALA A 96 9.99 10.80 8.77
N THR A 97 9.65 9.56 8.41
CA THR A 97 8.65 8.78 9.13
C THR A 97 9.16 8.46 10.54
N PHE A 98 10.43 8.15 10.64
CA PHE A 98 11.09 7.82 11.91
C PHE A 98 11.17 9.03 12.84
N THR A 99 11.60 10.17 12.31
CA THR A 99 11.65 11.44 13.04
C THR A 99 10.28 11.87 13.54
N THR A 100 9.26 11.69 12.69
CA THR A 100 7.86 11.92 13.06
C THR A 100 7.42 11.05 14.24
N ARG A 101 7.75 9.76 14.18
CA ARG A 101 7.48 8.80 15.26
C ARG A 101 8.21 9.19 16.55
N LEU A 102 9.44 9.70 16.41
CA LEU A 102 10.22 10.21 17.55
C LEU A 102 9.61 11.45 18.19
N LEU A 103 8.95 12.27 17.39
CA LEU A 103 8.30 13.50 17.88
C LEU A 103 6.89 13.29 18.40
N SER A 104 6.26 12.17 18.02
CA SER A 104 4.85 11.90 18.38
C SER A 104 4.72 11.27 19.76
N SER A 105 3.47 11.15 20.24
CA SER A 105 3.17 10.75 21.63
C SER A 105 3.38 9.27 21.96
N THR A 106 3.66 8.46 20.94
CA THR A 106 4.01 7.06 21.17
C THR A 106 5.27 6.65 20.45
N ARG A 107 5.66 5.42 20.77
CA ARG A 107 6.99 5.10 21.25
C ARG A 107 7.72 4.15 20.32
N VAL A 108 8.84 4.61 19.79
CA VAL A 108 9.64 3.79 18.90
C VAL A 108 10.20 2.57 19.63
N PRO A 109 10.26 1.41 18.93
CA PRO A 109 10.94 0.26 19.50
C PRO A 109 12.39 0.57 19.83
N ASN A 110 12.94 -0.13 20.81
CA ASN A 110 14.33 0.06 21.19
C ASN A 110 15.25 -0.74 20.30
N TYR A 111 15.52 -0.23 19.10
CA TYR A 111 16.39 -0.89 18.13
C TYR A 111 17.84 -0.94 18.63
N ASN A 112 18.45 -2.11 18.51
CA ASN A 112 19.87 -2.25 18.79
C ASN A 112 20.73 -2.28 17.51
N LEU A 113 20.08 -2.35 16.36
CA LEU A 113 20.75 -2.15 15.08
C LEU A 113 19.93 -1.21 14.20
N ILE A 114 20.56 -0.14 13.72
CA ILE A 114 19.92 0.82 12.83
C ILE A 114 20.76 0.97 11.57
N VAL A 115 20.16 0.66 10.42
CA VAL A 115 20.79 0.88 9.13
C VAL A 115 20.11 2.06 8.42
N MET A 116 20.84 3.16 8.24
CA MET A 116 20.32 4.29 7.47
C MET A 116 20.98 4.34 6.10
N ASP A 117 20.18 4.09 5.06
CA ASP A 117 20.65 4.23 3.69
C ASP A 117 20.53 5.68 3.26
N GLU A 118 21.53 6.16 2.53
CA GLU A 118 21.62 7.55 2.08
C GLU A 118 21.77 8.50 3.27
N ALA A 119 22.80 8.23 4.07
CA ALA A 119 23.03 8.91 5.33
C ALA A 119 23.61 10.32 5.19
N HIS A 120 23.48 10.88 4.00
CA HIS A 120 23.90 12.25 3.69
C HIS A 120 22.69 13.15 3.42
N PHE A 121 21.51 12.54 3.26
CA PHE A 121 20.25 13.24 2.95
C PHE A 121 20.04 14.48 3.84
N THR A 122 19.92 15.66 3.23
CA THR A 122 19.91 16.94 3.95
C THR A 122 18.53 17.47 4.35
N ASP A 123 17.48 16.74 3.97
CA ASP A 123 16.15 16.96 4.53
C ASP A 123 16.27 17.06 6.06
N PRO A 124 15.66 18.10 6.66
CA PRO A 124 15.80 18.37 8.11
C PRO A 124 15.45 17.20 9.02
N CYS A 125 14.55 16.32 8.58
CA CYS A 125 14.14 15.16 9.37
C CYS A 125 15.21 14.08 9.36
N SER A 126 15.94 14.01 8.26
CA SER A 126 17.00 13.04 8.06
C SER A 126 18.25 13.39 8.87
N VAL A 127 18.58 14.68 8.91
CA VAL A 127 19.67 15.21 9.73
C VAL A 127 19.40 15.00 11.24
N ALA A 128 18.17 15.31 11.66
CA ALA A 128 17.73 15.09 13.03
C ALA A 128 17.73 13.61 13.42
N ALA A 129 17.30 12.74 12.49
CA ALA A 129 17.35 11.29 12.67
C ALA A 129 18.77 10.80 12.90
N ARG A 130 19.73 11.30 12.12
CA ARG A 130 21.15 10.96 12.32
C ARG A 130 21.67 11.39 13.68
N GLY A 131 21.16 12.51 14.18
CA GLY A 131 21.49 12.98 15.52
C GLY A 131 21.05 11.99 16.59
N TYR A 132 19.84 11.46 16.44
CA TYR A 132 19.28 10.49 17.37
C TYR A 132 20.06 9.17 17.31
N ILE A 133 20.24 8.66 16.10
CA ILE A 133 20.94 7.39 15.88
C ILE A 133 22.38 7.43 16.41
N SER A 134 23.11 8.50 16.12
CA SER A 134 24.48 8.63 16.62
C SER A 134 24.62 8.81 18.14
N THR A 135 23.58 9.34 18.80
CA THR A 135 23.60 9.35 20.27
C THR A 135 23.26 7.98 20.87
N ARG A 136 22.36 7.24 20.21
CA ARG A 136 22.02 5.87 20.62
C ARG A 136 23.24 4.96 20.59
N VAL A 137 24.05 5.12 19.55
CA VAL A 137 25.32 4.42 19.40
C VAL A 137 26.32 4.88 20.46
N GLU A 138 26.45 6.19 20.63
CA GLU A 138 27.35 6.75 21.64
C GLU A 138 27.02 6.28 23.07
N MET A 139 25.73 6.13 23.37
CA MET A 139 25.27 5.67 24.69
C MET A 139 25.49 4.17 24.88
N GLY A 140 25.83 3.47 23.81
CA GLY A 140 26.02 2.03 23.86
C GLY A 140 24.70 1.27 23.81
N GLU A 141 23.70 1.88 23.21
CA GLU A 141 22.36 1.29 23.13
C GLU A 141 22.07 0.67 21.77
N ALA A 142 22.88 1.03 20.77
CA ALA A 142 22.71 0.51 19.42
C ALA A 142 24.01 0.45 18.61
N ALA A 143 24.02 -0.41 17.62
CA ALA A 143 24.99 -0.36 16.53
C ALA A 143 24.28 0.32 15.36
N ALA A 144 25.02 1.09 14.57
CA ALA A 144 24.44 1.77 13.43
C ALA A 144 25.31 1.68 12.19
N ILE A 145 24.67 1.61 11.03
CA ILE A 145 25.37 1.62 9.76
C ILE A 145 24.79 2.74 8.90
N PHE A 146 25.67 3.65 8.49
CA PHE A 146 25.33 4.76 7.62
C PHE A 146 25.87 4.45 6.22
N MET A 147 24.98 4.25 5.25
CA MET A 147 25.38 3.92 3.88
C MET A 147 25.15 5.11 2.96
N THR A 148 26.20 5.53 2.26
CA THR A 148 26.10 6.62 1.28
C THR A 148 27.38 6.74 0.44
N ALA A 149 27.21 7.02 -0.85
CA ALA A 149 28.32 7.29 -1.75
C ALA A 149 28.86 8.69 -1.58
N THR A 150 28.02 9.57 -1.02
CA THR A 150 28.39 10.98 -0.82
C THR A 150 28.29 11.38 0.67
N PRO A 151 29.22 10.89 1.52
CA PRO A 151 29.17 11.24 2.94
C PRO A 151 29.45 12.74 3.14
N PRO A 152 28.97 13.33 4.24
CA PRO A 152 29.26 14.75 4.47
C PRO A 152 30.73 15.11 4.20
N GLY A 153 30.94 16.21 3.50
CA GLY A 153 32.28 16.63 3.08
C GLY A 153 32.66 16.22 1.67
N SER A 154 31.73 15.59 0.95
CA SER A 154 31.96 15.09 -0.39
CA SER A 154 31.93 15.20 -0.46
C SER A 154 31.95 16.41 -1.40
N THR A 155 33.00 16.50 -2.21
CA THR A 155 33.18 17.64 -3.11
C THR A 155 33.28 17.20 -4.57
N ASP A 156 33.32 15.88 -4.78
CA ASP A 156 33.53 15.31 -6.13
C ASP A 156 32.22 14.98 -6.82
N PRO A 157 31.84 15.77 -7.85
CA PRO A 157 30.57 15.57 -8.55
C PRO A 157 30.60 14.36 -9.50
N PHE A 158 31.80 13.81 -9.72
CA PHE A 158 32.00 12.75 -10.71
C PHE A 158 32.68 11.50 -10.14
N PRO A 159 32.05 10.82 -9.16
CA PRO A 159 32.70 9.69 -8.52
C PRO A 159 32.83 8.45 -9.42
N GLN A 160 33.40 7.38 -8.86
CA GLN A 160 33.58 6.12 -9.55
C GLN A 160 32.22 5.52 -9.92
N SER A 161 32.19 4.80 -11.04
CA SER A 161 30.99 4.10 -11.50
C SER A 161 31.29 2.70 -12.00
N ASN A 162 30.25 1.89 -12.18
CA ASN A 162 30.41 0.53 -12.69
C ASN A 162 30.82 0.49 -14.15
N SER A 163 30.32 1.46 -14.90
CA SER A 163 30.65 1.65 -16.32
C SER A 163 31.14 3.07 -16.55
N PRO A 164 31.96 3.27 -17.61
CA PRO A 164 32.41 4.63 -17.97
C PRO A 164 31.22 5.55 -18.27
N ILE A 165 31.28 6.79 -17.77
CA ILE A 165 30.23 7.79 -18.00
C ILE A 165 30.79 8.92 -18.85
N GLU A 166 30.08 9.24 -19.94
CA GLU A 166 30.41 10.41 -20.76
C GLU A 166 29.76 11.66 -20.15
N ASP A 167 30.58 12.48 -19.50
CA ASP A 167 30.14 13.73 -18.89
C ASP A 167 30.15 14.86 -19.92
N ILE A 168 28.97 15.45 -20.16
CA ILE A 168 28.79 16.47 -21.19
C ILE A 168 28.16 17.73 -20.59
N GLU A 169 28.80 18.88 -20.79
CA GLU A 169 28.19 20.15 -20.37
C GLU A 169 27.52 20.87 -21.54
N ARG A 170 26.21 21.10 -21.41
CA ARG A 170 25.39 21.78 -22.40
C ARG A 170 24.41 22.66 -21.66
N GLU A 171 23.85 23.64 -22.37
CA GLU A 171 22.69 24.39 -21.86
C GLU A 171 21.49 23.46 -21.81
N ILE A 172 20.72 23.56 -20.73
CA ILE A 172 19.53 22.73 -20.53
C ILE A 172 18.31 23.64 -20.32
N PRO A 173 17.23 23.43 -21.10
CA PRO A 173 16.06 24.29 -20.97
C PRO A 173 15.36 24.12 -19.62
N GLU A 174 14.97 25.24 -19.01
CA GLU A 174 14.23 25.23 -17.76
C GLU A 174 12.74 25.18 -18.03
N ARG A 175 12.36 25.67 -19.21
CA ARG A 175 10.97 25.75 -19.66
C ARG A 175 10.79 25.03 -20.98
N SER A 176 9.57 25.05 -21.52
CA SER A 176 9.28 24.53 -22.85
C SER A 176 10.18 25.19 -23.89
N TRP A 177 10.37 24.52 -25.02
CA TRP A 177 11.20 25.05 -26.10
C TRP A 177 10.63 24.68 -27.47
N ASN A 178 10.54 25.68 -28.35
CA ASN A 178 10.13 25.46 -29.73
C ASN A 178 11.25 24.82 -30.54
N THR A 179 12.47 25.25 -30.26
CA THR A 179 13.61 25.02 -31.15
C THR A 179 14.94 25.17 -30.41
N GLY A 180 16.01 24.67 -31.04
CA GLY A 180 17.38 24.85 -30.54
C GLY A 180 17.95 23.75 -29.66
N PHE A 181 17.14 22.76 -29.33
CA PHE A 181 17.56 21.69 -28.42
C PHE A 181 17.29 20.30 -29.00
N ASP A 182 17.72 20.09 -30.24
CA ASP A 182 17.46 18.84 -30.96
C ASP A 182 18.14 17.63 -30.33
N TRP A 183 19.28 17.86 -29.68
CA TRP A 183 20.05 16.81 -29.01
C TRP A 183 19.25 16.03 -27.95
N ILE A 184 18.23 16.68 -27.39
CA ILE A 184 17.35 16.07 -26.38
C ILE A 184 16.48 14.96 -26.98
N THR A 185 15.88 15.26 -28.13
CA THR A 185 14.91 14.37 -28.77
C THR A 185 15.52 13.46 -29.84
N ASP A 186 16.75 13.76 -30.27
CA ASP A 186 17.45 12.93 -31.25
C ASP A 186 18.09 11.69 -30.63
N TYR A 187 18.35 11.76 -29.32
CA TYR A 187 18.88 10.64 -28.53
C TYR A 187 17.96 9.41 -28.61
N GLN A 188 18.54 8.23 -28.73
CA GLN A 188 17.76 7.00 -28.94
C GLN A 188 17.45 6.22 -27.66
N GLY A 189 18.31 6.35 -26.66
CA GLY A 189 18.17 5.57 -25.42
C GLY A 189 17.12 6.09 -24.46
N LYS A 190 17.26 5.72 -23.19
CA LYS A 190 16.35 6.16 -22.14
C LYS A 190 16.97 7.27 -21.31
N THR A 191 16.19 8.31 -21.04
CA THR A 191 16.68 9.49 -20.32
C THR A 191 15.96 9.73 -18.98
N VAL A 192 16.74 10.08 -17.96
CA VAL A 192 16.21 10.55 -16.68
C VAL A 192 16.52 12.04 -16.56
N TRP A 193 15.48 12.85 -16.44
CA TRP A 193 15.62 14.30 -16.42
C TRP A 193 15.21 14.84 -15.06
N PHE A 194 16.13 15.50 -14.37
CA PHE A 194 15.85 16.04 -13.04
C PHE A 194 15.33 17.47 -13.10
N VAL A 195 14.13 17.68 -12.55
CA VAL A 195 13.51 18.99 -12.51
C VAL A 195 13.43 19.51 -11.06
N PRO A 196 13.53 20.84 -10.87
CA PRO A 196 13.50 21.41 -9.52
C PRO A 196 12.09 21.44 -8.89
N SER A 197 11.06 21.38 -9.73
CA SER A 197 9.68 21.40 -9.28
C SER A 197 8.77 20.54 -10.17
N ILE A 198 7.58 20.22 -9.65
CA ILE A 198 6.56 19.47 -10.40
C ILE A 198 5.95 20.38 -11.48
N LYS A 199 5.86 21.68 -11.17
CA LYS A 199 5.39 22.69 -12.13
C LYS A 199 6.25 22.70 -13.39
N ALA A 200 7.56 22.85 -13.19
CA ALA A 200 8.55 22.81 -14.27
C ALA A 200 8.55 21.46 -14.96
N GLY A 201 8.40 20.39 -14.18
CA GLY A 201 8.31 19.03 -14.70
C GLY A 201 7.12 18.83 -15.62
N ASN A 202 5.99 19.45 -15.28
CA ASN A 202 4.77 19.41 -16.10
C ASN A 202 4.95 19.99 -17.50
N ASP A 203 5.49 21.20 -17.58
CA ASP A 203 5.65 21.87 -18.87
C ASP A 203 6.85 21.40 -19.71
N ILE A 204 7.78 20.67 -19.06
CA ILE A 204 8.85 19.99 -19.79
C ILE A 204 8.33 18.65 -20.34
N ALA A 205 7.51 17.95 -19.54
CA ALA A 205 6.96 16.65 -19.93
C ALA A 205 5.95 16.72 -21.08
N ASN A 206 5.08 17.73 -21.08
CA ASN A 206 4.11 17.89 -22.16
C ASN A 206 4.78 18.42 -23.43
N CYS A 207 5.93 19.07 -23.27
CA CYS A 207 6.75 19.52 -24.39
C CYS A 207 7.41 18.34 -25.11
N LEU A 208 7.81 17.34 -24.33
CA LEU A 208 8.39 16.11 -24.87
C LEU A 208 7.34 15.20 -25.54
N ARG A 209 6.14 15.15 -24.96
CA ARG A 209 5.07 14.28 -25.46
C ARG A 209 4.54 14.68 -26.83
N LYS A 210 4.49 15.98 -27.10
CA LYS A 210 4.07 16.50 -28.41
C LYS A 210 5.11 16.23 -29.50
N SER A 211 6.25 15.66 -29.09
CA SER A 211 7.25 15.16 -30.03
C SER A 211 7.13 13.64 -30.17
N GLY A 212 6.01 13.09 -29.71
CA GLY A 212 5.75 11.66 -29.77
C GLY A 212 6.62 10.84 -28.83
N LYS A 213 6.96 11.42 -27.67
CA LYS A 213 7.84 10.77 -26.71
C LYS A 213 7.05 10.19 -25.56
N ARG A 214 7.43 8.98 -25.14
CA ARG A 214 6.80 8.30 -24.01
C ARG A 214 7.42 8.78 -22.70
N VAL A 215 6.65 9.57 -21.96
CA VAL A 215 7.16 10.28 -20.78
C VAL A 215 6.46 9.83 -19.49
N ILE A 216 7.25 9.48 -18.48
CA ILE A 216 6.75 9.17 -17.15
C ILE A 216 7.16 10.29 -16.20
N GLN A 217 6.18 10.81 -15.46
CA GLN A 217 6.46 11.87 -14.49
C GLN A 217 6.50 11.31 -13.07
N LEU A 218 7.63 11.51 -12.41
CA LEU A 218 7.84 11.03 -11.04
C LEU A 218 7.98 12.18 -10.05
N SER A 219 7.19 12.10 -8.98
CA SER A 219 7.27 13.02 -7.85
C SER A 219 6.48 12.41 -6.69
N ARG A 220 6.41 13.13 -5.57
CA ARG A 220 5.63 12.70 -4.41
C ARG A 220 4.15 12.46 -4.76
N LYS A 221 3.67 13.16 -5.78
CA LYS A 221 2.25 13.15 -6.13
C LYS A 221 1.85 12.03 -7.09
N THR A 222 2.81 11.57 -7.90
CA THR A 222 2.54 10.54 -8.91
C THR A 222 3.30 9.22 -8.67
N PHE A 223 4.05 9.12 -7.58
CA PHE A 223 4.88 7.93 -7.31
C PHE A 223 4.13 6.60 -7.45
N ASP A 224 2.98 6.51 -6.81
CA ASP A 224 2.26 5.23 -6.64
C ASP A 224 1.93 4.49 -7.92
N THR A 225 1.37 5.22 -8.89
CA THR A 225 0.95 4.60 -10.16
C THR A 225 2.07 4.63 -11.19
N GLU A 226 3.03 5.53 -11.01
CA GLU A 226 4.06 5.81 -12.01
C GLU A 226 5.41 5.10 -11.82
N TYR A 227 5.79 4.81 -10.59
CA TYR A 227 7.06 4.12 -10.34
C TYR A 227 7.14 2.68 -10.87
N PRO A 228 6.02 1.92 -10.78
CA PRO A 228 6.00 0.60 -11.45
C PRO A 228 6.16 0.67 -12.97
N LYS A 229 5.82 1.82 -13.56
CA LYS A 229 5.92 2.01 -15.01
C LYS A 229 7.36 2.23 -15.47
N THR A 230 8.21 2.72 -14.58
CA THR A 230 9.64 2.85 -14.86
C THR A 230 10.30 1.46 -14.90
N LYS A 231 9.69 0.51 -14.18
CA LYS A 231 10.14 -0.88 -14.19
C LYS A 231 9.62 -1.62 -15.43
N LEU A 232 9.57 -0.89 -16.54
CA LEU A 232 9.10 -1.40 -17.82
C LEU A 232 9.94 -0.91 -19.00
N THR A 233 9.68 -1.50 -20.17
CA THR A 233 10.37 -1.21 -21.43
C THR A 233 9.71 -0.06 -22.20
N ASP A 234 8.56 0.40 -21.71
CA ASP A 234 7.67 1.25 -22.49
C ASP A 234 7.85 2.77 -22.25
N TRP A 235 9.09 3.19 -21.99
CA TRP A 235 9.35 4.63 -21.80
C TRP A 235 10.62 5.16 -22.45
N ASP A 236 10.59 6.46 -22.78
CA ASP A 236 11.73 7.17 -23.35
C ASP A 236 12.34 8.11 -22.32
N PHE A 237 11.47 8.85 -21.64
CA PHE A 237 11.89 9.84 -20.66
C PHE A 237 11.23 9.59 -19.31
N VAL A 238 12.03 9.70 -18.25
CA VAL A 238 11.49 9.88 -16.90
C VAL A 238 11.80 11.33 -16.50
N VAL A 239 10.75 12.13 -16.33
CA VAL A 239 10.91 13.51 -15.86
C VAL A 239 10.61 13.49 -14.37
N THR A 240 11.65 13.67 -13.56
CA THR A 240 11.54 13.42 -12.14
C THR A 240 12.05 14.56 -11.26
N THR A 241 11.42 14.72 -10.09
CA THR A 241 11.97 15.57 -9.03
C THR A 241 13.06 14.79 -8.31
N ASP A 242 13.56 15.37 -7.22
CA ASP A 242 14.55 14.72 -6.36
C ASP A 242 14.06 13.49 -5.62
N ILE A 243 12.84 13.04 -5.90
CA ILE A 243 12.36 11.78 -5.34
C ILE A 243 13.25 10.63 -5.83
N SER A 244 13.81 10.80 -7.03
CA SER A 244 14.62 9.78 -7.69
C SER A 244 16.11 10.08 -7.65
N GLU A 245 16.50 11.14 -6.93
CA GLU A 245 17.91 11.55 -6.83
C GLU A 245 18.80 10.44 -6.32
N MET A 246 18.27 9.66 -5.39
CA MET A 246 19.00 8.55 -4.76
C MET A 246 18.39 7.18 -5.08
N GLY A 247 19.24 6.17 -5.04
CA GLY A 247 18.82 4.77 -4.98
C GLY A 247 18.26 4.10 -6.21
N ALA A 248 17.66 4.90 -7.08
CA ALA A 248 16.95 4.39 -8.25
C ALA A 248 17.84 3.61 -9.20
N ASN A 249 17.30 2.50 -9.70
CA ASN A 249 17.94 1.69 -10.74
C ASN A 249 17.05 1.70 -11.99
N PHE A 250 17.01 2.85 -12.66
CA PHE A 250 16.14 3.07 -13.83
C PHE A 250 16.53 2.26 -15.06
N ARG A 251 17.78 1.78 -15.10
CA ARG A 251 18.30 1.04 -16.24
C ARG A 251 18.20 1.90 -17.50
N ALA A 252 18.62 3.16 -17.34
CA ALA A 252 18.59 4.16 -18.39
C ALA A 252 19.99 4.34 -19.00
N GLY A 253 20.08 5.17 -20.03
CA GLY A 253 21.35 5.46 -20.70
C GLY A 253 21.86 6.89 -20.48
N ARG A 254 20.97 7.79 -20.08
CA ARG A 254 21.32 9.21 -19.95
C ARG A 254 20.63 9.91 -18.78
N VAL A 255 21.38 10.77 -18.09
CA VAL A 255 20.79 11.72 -17.16
C VAL A 255 20.98 13.15 -17.69
N ILE A 256 19.88 13.91 -17.69
CA ILE A 256 19.94 15.36 -17.91
C ILE A 256 19.80 16.05 -16.55
N ASP A 257 20.84 16.79 -16.16
CA ASP A 257 20.89 17.44 -14.86
C ASP A 257 21.20 18.95 -14.98
N PRO A 258 20.16 19.81 -14.87
CA PRO A 258 20.32 21.27 -14.90
C PRO A 258 21.11 21.79 -13.71
N ARG A 259 21.22 20.95 -12.67
CA ARG A 259 21.97 21.26 -11.44
C ARG A 259 21.48 22.51 -10.71
N ARG A 260 20.18 22.76 -10.76
CA ARG A 260 19.58 23.93 -10.11
C ARG A 260 18.45 23.51 -9.20
N CYS A 261 18.15 24.37 -8.22
CA CYS A 261 17.07 24.14 -7.26
C CYS A 261 16.75 25.43 -6.51
N LEU A 262 15.52 25.53 -6.02
CA LEU A 262 15.15 26.57 -5.07
C LEU A 262 15.50 26.13 -3.66
N LYS A 263 16.05 27.07 -2.89
CA LYS A 263 16.50 26.81 -1.53
C LYS A 263 15.76 27.71 -0.54
N PRO A 264 15.13 27.11 0.49
CA PRO A 264 14.61 27.96 1.58
C PRO A 264 15.73 28.58 2.41
N VAL A 265 15.65 29.89 2.61
CA VAL A 265 16.66 30.63 3.37
C VAL A 265 15.98 31.42 4.47
N ILE A 266 16.48 31.30 5.70
CA ILE A 266 16.04 32.11 6.81
C ILE A 266 16.77 33.45 6.78
N LEU A 267 16.00 34.53 6.65
CA LEU A 267 16.55 35.88 6.64
C LEU A 267 16.56 36.47 8.05
N THR A 268 17.67 37.08 8.43
CA THR A 268 17.86 37.60 9.79
C THR A 268 17.95 39.13 9.84
N ASP A 269 18.20 39.74 8.68
CA ASP A 269 18.17 41.20 8.56
C ASP A 269 16.72 41.67 8.54
N GLY A 270 16.33 42.40 9.58
CA GLY A 270 14.93 42.76 9.79
C GLY A 270 14.23 41.63 10.54
N PRO A 271 12.89 41.69 10.63
CA PRO A 271 12.16 40.56 11.20
C PRO A 271 12.44 39.26 10.47
N GLU A 272 12.61 38.18 11.23
CA GLU A 272 12.99 36.89 10.69
C GLU A 272 11.88 36.25 9.84
N ARG A 273 12.26 35.77 8.66
CA ARG A 273 11.32 35.15 7.73
C ARG A 273 12.03 34.19 6.79
N VAL A 274 11.25 33.36 6.10
CA VAL A 274 11.82 32.42 5.12
C VAL A 274 11.48 32.81 3.69
N ILE A 275 12.50 32.82 2.83
CA ILE A 275 12.33 33.06 1.40
C ILE A 275 12.68 31.81 0.61
N LEU A 276 12.27 31.79 -0.66
CA LEU A 276 12.77 30.78 -1.59
C LEU A 276 13.80 31.41 -2.52
N ALA A 277 15.07 31.14 -2.24
CA ALA A 277 16.19 31.68 -3.01
C ALA A 277 16.50 30.76 -4.18
N GLY A 278 16.97 31.35 -5.28
CA GLY A 278 17.31 30.61 -6.46
C GLY A 278 16.42 30.86 -7.67
N PRO A 279 16.44 29.93 -8.64
CA PRO A 279 17.20 28.68 -8.58
C PRO A 279 18.71 28.90 -8.45
N ILE A 280 19.34 28.08 -7.60
CA ILE A 280 20.78 28.14 -7.36
C ILE A 280 21.39 26.77 -7.66
N PRO A 281 22.71 26.72 -7.90
CA PRO A 281 23.37 25.43 -8.10
C PRO A 281 23.13 24.43 -6.96
N VAL A 282 22.98 23.16 -7.32
CA VAL A 282 22.88 22.09 -6.32
C VAL A 282 24.26 21.81 -5.73
N THR A 283 24.28 21.05 -4.64
CA THR A 283 25.52 20.66 -3.97
C THR A 283 26.25 19.60 -4.82
N PRO A 284 27.59 19.49 -4.66
CA PRO A 284 28.36 18.43 -5.31
C PRO A 284 27.84 17.03 -5.01
N ALA A 285 27.34 16.80 -3.79
CA ALA A 285 26.73 15.53 -3.42
C ALA A 285 25.45 15.22 -4.19
N SER A 286 24.63 16.24 -4.45
CA SER A 286 23.41 16.10 -5.25
C SER A 286 23.71 15.79 -6.71
N ALA A 287 24.62 16.55 -7.31
CA ALA A 287 25.11 16.30 -8.66
C ALA A 287 25.65 14.86 -8.81
N ALA A 288 26.45 14.43 -7.84
CA ALA A 288 27.02 13.08 -7.81
C ALA A 288 25.98 11.96 -7.68
N GLN A 289 24.94 12.19 -6.88
CA GLN A 289 23.82 11.27 -6.74
C GLN A 289 22.99 11.13 -8.02
N ARG A 290 22.70 12.28 -8.65
CA ARG A 290 21.95 12.34 -9.91
C ARG A 290 22.68 11.68 -11.08
N ARG A 291 23.98 11.94 -11.18
CA ARG A 291 24.86 11.30 -12.15
C ARG A 291 24.96 9.79 -11.86
N GLY A 292 24.84 9.45 -10.57
CA GLY A 292 24.88 8.07 -10.11
C GLY A 292 23.73 7.19 -10.58
N ARG A 293 22.69 7.79 -11.16
CA ARG A 293 21.57 7.03 -11.72
C ARG A 293 21.99 6.20 -12.94
N ILE A 294 23.02 6.65 -13.65
CA ILE A 294 23.56 5.94 -14.81
C ILE A 294 25.01 5.49 -14.61
N GLY A 295 25.55 4.76 -15.60
CA GLY A 295 26.86 4.12 -15.49
C GLY A 295 26.85 2.98 -14.48
N ARG A 296 25.68 2.41 -14.24
CA ARG A 296 25.49 1.36 -13.21
C ARG A 296 25.58 -0.04 -13.77
N ASN A 297 25.35 -0.16 -15.08
CA ASN A 297 25.36 -1.45 -15.77
C ASN A 297 26.72 -1.71 -16.42
N PRO A 298 27.51 -2.65 -15.88
CA PRO A 298 28.85 -2.96 -16.40
C PRO A 298 28.85 -3.47 -17.85
N ALA A 299 27.69 -3.94 -18.30
CA ALA A 299 27.52 -4.41 -19.67
C ALA A 299 27.10 -3.30 -20.64
N GLN A 300 26.76 -2.13 -20.09
CA GLN A 300 26.36 -0.96 -20.88
C GLN A 300 27.35 0.20 -20.67
N GLU A 301 28.19 0.43 -21.68
CA GLU A 301 29.39 1.23 -21.52
C GLU A 301 29.35 2.68 -22.04
N ASP A 302 28.27 3.06 -22.71
CA ASP A 302 28.21 4.41 -23.31
C ASP A 302 27.16 5.36 -22.71
N ASP A 303 26.88 5.21 -21.42
CA ASP A 303 25.97 6.09 -20.70
C ASP A 303 26.45 7.54 -20.70
N GLN A 304 25.51 8.48 -20.59
CA GLN A 304 25.82 9.90 -20.65
C GLN A 304 25.23 10.66 -19.47
N TYR A 305 25.98 11.65 -19.00
CA TYR A 305 25.51 12.59 -18.00
C TYR A 305 25.63 14.00 -18.55
N VAL A 306 24.50 14.58 -18.92
CA VAL A 306 24.45 15.94 -19.46
C VAL A 306 24.07 16.93 -18.37
N PHE A 307 25.00 17.81 -18.04
CA PHE A 307 24.80 18.76 -16.95
C PHE A 307 25.00 20.19 -17.41
N SER A 308 24.67 21.14 -16.53
CA SER A 308 24.89 22.56 -16.79
C SER A 308 25.38 23.28 -15.55
N GLY A 309 26.58 23.85 -15.65
CA GLY A 309 27.15 24.68 -14.59
C GLY A 309 27.87 23.92 -13.48
N ASP A 310 28.59 24.66 -12.65
CA ASP A 310 29.28 24.11 -11.49
C ASP A 310 28.32 23.90 -10.32
N PRO A 311 28.63 22.94 -9.43
CA PRO A 311 27.86 22.83 -8.18
C PRO A 311 28.23 23.94 -7.19
N LEU A 312 27.39 24.12 -6.17
CA LEU A 312 27.69 25.03 -5.07
C LEU A 312 27.68 24.23 -3.78
N LYS A 313 28.86 24.12 -3.18
CA LYS A 313 29.08 23.33 -1.97
C LYS A 313 28.53 24.02 -0.72
N ASN A 314 28.66 25.34 -0.67
CA ASN A 314 28.26 26.11 0.50
C ASN A 314 26.74 26.22 0.59
N ASP A 315 26.14 25.48 1.53
CA ASP A 315 24.71 25.57 1.77
C ASP A 315 24.37 25.94 3.22
N GLU A 316 25.29 26.62 3.89
CA GLU A 316 25.12 27.03 5.29
C GLU A 316 23.88 27.90 5.52
N ASP A 317 23.47 28.66 4.51
CA ASP A 317 22.30 29.53 4.63
C ASP A 317 20.96 28.82 4.34
N HIS A 318 21.03 27.54 3.98
CA HIS A 318 19.83 26.71 3.75
C HIS A 318 19.16 26.45 5.09
N ALA A 319 17.84 26.59 5.11
CA ALA A 319 17.04 26.49 6.31
C ALA A 319 17.07 25.10 6.98
N HIS A 320 17.50 24.07 6.24
CA HIS A 320 17.44 22.70 6.75
C HIS A 320 18.36 22.41 7.94
N TRP A 321 19.39 23.24 8.12
CA TRP A 321 20.31 23.08 9.25
C TRP A 321 19.70 23.62 10.55
N THR A 322 19.01 24.75 10.46
CA THR A 322 18.27 25.30 11.60
C THR A 322 17.09 24.40 11.95
N GLU A 323 16.34 24.00 10.92
CA GLU A 323 15.13 23.20 11.06
C GLU A 323 15.41 21.80 11.60
N ALA A 324 16.55 21.22 11.21
CA ALA A 324 16.99 19.93 11.76
C ALA A 324 17.23 20.02 13.26
N LYS A 325 17.78 21.15 13.69
CA LYS A 325 18.04 21.42 15.11
C LYS A 325 16.75 21.76 15.86
N MET A 326 15.79 22.39 15.18
CA MET A 326 14.46 22.65 15.72
C MET A 326 13.73 21.37 16.07
N LEU A 327 13.92 20.34 15.24
CA LEU A 327 13.34 19.02 15.45
C LEU A 327 14.09 18.25 16.54
N LEU A 328 15.40 18.14 16.39
CA LEU A 328 16.26 17.37 17.30
C LEU A 328 16.27 17.87 18.75
N ASP A 329 16.06 19.19 18.94
CA ASP A 329 15.92 19.78 20.27
C ASP A 329 14.64 19.35 20.98
N ASN A 330 13.73 18.73 20.23
CA ASN A 330 12.45 18.28 20.79
C ASN A 330 12.29 16.75 20.74
N ILE A 331 13.37 16.06 20.40
CA ILE A 331 13.40 14.61 20.38
C ILE A 331 14.15 14.13 21.62
N TYR A 332 13.62 13.08 22.24
CA TYR A 332 14.20 12.57 23.47
C TYR A 332 14.52 11.09 23.37
N THR A 333 15.59 10.74 24.04
CA THR A 333 16.02 9.36 24.18
C THR A 333 15.22 8.73 25.35
N PRO A 334 14.97 7.40 25.29
CA PRO A 334 14.14 6.76 26.33
C PRO A 334 14.71 6.96 27.72
N GLU A 335 16.03 7.13 27.79
CA GLU A 335 16.73 7.45 29.03
C GLU A 335 16.40 8.88 29.48
N GLY A 336 16.20 9.78 28.53
CA GLY A 336 15.84 11.16 28.84
C GLY A 336 16.70 12.20 28.16
N ILE A 337 17.64 11.71 27.37
CA ILE A 337 18.66 12.54 26.74
C ILE A 337 18.19 13.13 25.42
N ILE A 338 18.31 14.45 25.28
CA ILE A 338 18.17 15.09 23.99
C ILE A 338 19.46 14.82 23.20
N PRO A 339 19.32 14.24 21.99
CA PRO A 339 20.44 13.95 21.13
C PRO A 339 21.13 15.19 20.56
N THR A 340 22.39 15.02 20.17
CA THR A 340 23.15 16.04 19.47
C THR A 340 23.36 15.60 18.03
N LEU A 341 23.52 16.57 17.12
CA LEU A 341 23.72 16.29 15.71
C LEU A 341 24.90 15.34 15.46
N PHE A 342 24.76 14.50 14.45
CA PHE A 342 25.84 13.65 13.98
C PHE A 342 27.10 14.51 13.76
N GLY A 343 28.22 14.01 14.28
CA GLY A 343 29.51 14.73 14.22
C GLY A 343 29.76 15.69 13.07
N PRO A 344 29.89 15.16 11.84
CA PRO A 344 30.12 15.96 10.63
C PRO A 344 29.10 17.07 10.33
N GLU A 345 27.92 17.02 10.96
CA GLU A 345 26.86 17.99 10.66
C GLU A 345 26.65 19.01 11.77
N ARG A 346 27.60 19.08 12.71
CA ARG A 346 27.59 20.07 13.77
C ARG A 346 28.20 21.40 13.31
N GLU A 347 27.68 22.50 13.85
CA GLU A 347 28.16 23.85 13.53
C GLU A 347 28.07 24.22 12.03
N LYS A 348 27.03 23.73 11.37
CA LYS A 348 26.66 24.19 10.03
C LYS A 348 26.01 25.56 10.17
N THR A 349 25.41 25.79 11.33
CA THR A 349 24.94 27.12 11.76
C THR A 349 25.16 27.29 13.28
N GLN A 350 25.20 28.54 13.73
CA GLN A 350 25.55 28.88 15.12
C GLN A 350 24.51 28.36 16.12
N ALA A 351 24.84 27.22 16.75
CA ALA A 351 23.92 26.38 17.55
C ALA A 351 22.74 27.16 18.21
N ILE A 352 22.80 27.69 19.45
CA ILE A 352 23.50 27.15 20.62
C ILE A 352 22.54 26.09 21.16
N ASP A 353 23.03 25.20 22.01
CA ASP A 353 22.25 23.99 22.25
C ASP A 353 21.03 24.18 23.14
N GLY A 354 19.99 23.42 22.83
CA GLY A 354 18.71 23.50 23.53
C GLY A 354 17.96 24.80 23.27
N GLU A 355 18.34 25.49 22.20
CA GLU A 355 17.75 26.77 21.84
C GLU A 355 16.32 26.64 21.33
N PHE A 356 16.00 25.47 20.76
CA PHE A 356 14.68 25.24 20.16
C PHE A 356 13.79 24.30 20.98
N ARG A 357 14.20 24.05 22.23
CA ARG A 357 13.45 23.26 23.20
C ARG A 357 12.08 23.85 23.48
N LEU A 358 11.04 23.06 23.24
CA LEU A 358 9.67 23.47 23.52
C LEU A 358 9.08 22.71 24.70
N ARG A 359 8.19 23.36 25.43
CA ARG A 359 7.59 22.82 26.64
C ARG A 359 6.21 22.24 26.39
N GLY A 360 5.79 21.31 27.26
CA GLY A 360 4.41 20.78 27.33
C GLY A 360 3.56 20.80 26.08
N GLU A 361 2.55 21.66 26.07
CA GLU A 361 1.58 21.73 24.96
C GLU A 361 2.18 22.26 23.67
N GLN A 362 3.28 23.02 23.81
CA GLN A 362 3.94 23.65 22.67
C GLN A 362 4.61 22.65 21.75
N ARG A 363 5.19 21.60 22.31
CA ARG A 363 5.84 20.55 21.54
C ARG A 363 4.80 19.74 20.75
N LYS A 364 3.65 19.49 21.39
CA LYS A 364 2.52 18.81 20.75
C LYS A 364 1.92 19.65 19.62
N THR A 365 1.81 20.95 19.86
CA THR A 365 1.30 21.89 18.85
C THR A 365 2.26 21.96 17.67
N PHE A 366 3.55 22.06 17.98
CA PHE A 366 4.65 22.04 17.01
C PHE A 366 4.52 20.87 16.02
N VAL A 367 4.35 19.67 16.57
CA VAL A 367 4.21 18.44 15.76
C VAL A 367 2.92 18.45 14.96
N GLU A 368 1.84 18.88 15.61
CA GLU A 368 0.52 18.95 15.01
C GLU A 368 0.49 19.91 13.83
N LEU A 369 1.17 21.04 13.95
CA LEU A 369 1.25 22.03 12.88
C LEU A 369 1.97 21.50 11.64
N MET A 370 2.92 20.58 11.86
CA MET A 370 3.66 19.97 10.76
C MET A 370 2.89 18.83 10.11
N ARG A 371 2.37 17.94 10.95
CA ARG A 371 1.70 16.73 10.47
C ARG A 371 0.27 16.95 10.00
N ARG A 372 -0.49 17.76 10.73
CA ARG A 372 -1.88 18.03 10.38
C ARG A 372 -2.04 19.32 9.58
N GLY A 373 -1.25 20.33 9.92
CA GLY A 373 -1.32 21.64 9.26
C GLY A 373 -0.57 21.71 7.96
N ASP A 374 0.38 20.77 7.77
CA ASP A 374 1.24 20.71 6.58
C ASP A 374 2.16 21.92 6.43
N LEU A 375 2.56 22.48 7.57
CA LEU A 375 3.39 23.68 7.59
C LEU A 375 4.87 23.31 7.75
N PRO A 376 5.77 24.13 7.18
CA PRO A 376 7.20 23.88 7.30
C PRO A 376 7.68 23.88 8.75
N VAL A 377 8.89 23.37 9.00
CA VAL A 377 9.42 23.26 10.35
C VAL A 377 9.61 24.64 11.00
N TRP A 378 10.14 25.60 10.24
CA TRP A 378 10.42 26.94 10.77
C TRP A 378 9.14 27.64 11.21
N LEU A 379 8.13 27.59 10.34
CA LEU A 379 6.84 28.23 10.62
C LEU A 379 6.12 27.59 11.79
N SER A 380 6.10 26.27 11.83
CA SER A 380 5.52 25.52 12.95
C SER A 380 6.20 25.85 14.27
N TYR A 381 7.53 25.98 14.25
CA TYR A 381 8.27 26.35 15.46
C TYR A 381 7.88 27.72 15.96
N LYS A 382 7.79 28.68 15.05
CA LYS A 382 7.44 30.07 15.38
C LYS A 382 6.05 30.20 15.98
N VAL A 383 5.09 29.48 15.42
CA VAL A 383 3.72 29.50 15.94
C VAL A 383 3.64 28.78 17.31
N ALA A 384 4.21 27.57 17.38
CA ALA A 384 4.20 26.78 18.61
C ALA A 384 4.90 27.46 19.81
N SER A 385 6.06 28.07 19.56
CA SER A 385 6.84 28.73 20.61
C SER A 385 6.25 30.07 21.05
N ALA A 386 5.29 30.59 20.28
CA ALA A 386 4.57 31.80 20.65
C ALA A 386 3.36 31.48 21.56
N GLY A 387 3.16 30.21 21.85
CA GLY A 387 2.11 29.75 22.78
C GLY A 387 0.73 29.65 22.15
N ILE A 388 0.71 29.59 20.83
CA ILE A 388 -0.52 29.50 20.05
C ILE A 388 -0.91 28.02 19.89
N SER A 389 -2.20 27.72 20.08
CA SER A 389 -2.75 26.37 19.85
C SER A 389 -2.92 26.09 18.37
N TYR A 390 -2.93 24.80 18.01
CA TYR A 390 -3.01 24.39 16.61
C TYR A 390 -4.24 24.95 15.88
N LYS A 391 -5.36 25.07 16.58
CA LYS A 391 -6.63 25.49 15.96
C LYS A 391 -6.91 27.00 16.05
N ASP A 392 -6.02 27.72 16.71
CA ASP A 392 -6.05 29.18 16.79
C ASP A 392 -5.34 29.78 15.58
N ARG A 393 -6.12 30.32 14.64
CA ARG A 393 -5.60 30.80 13.36
C ARG A 393 -5.50 32.32 13.29
N GLU A 394 -5.59 32.96 14.45
CA GLU A 394 -5.46 34.40 14.58
C GLU A 394 -4.18 34.96 13.98
N TRP A 395 -3.10 34.21 14.11
CA TRP A 395 -1.78 34.64 13.69
C TRP A 395 -1.70 34.84 12.16
N CYS A 396 -2.65 34.24 11.44
CA CYS A 396 -2.73 34.36 9.97
C CYS A 396 -3.20 35.74 9.51
N PHE A 397 -3.64 36.58 10.46
CA PHE A 397 -4.25 37.87 10.13
C PHE A 397 -3.65 39.07 10.86
N THR A 398 -2.83 38.81 11.87
CA THR A 398 -2.33 39.85 12.78
C THR A 398 -0.91 40.34 12.45
N GLY A 399 -0.38 39.91 11.31
CA GLY A 399 0.96 40.31 10.88
C GLY A 399 1.04 41.78 10.56
N GLU A 400 2.26 42.32 10.58
CA GLU A 400 2.48 43.70 10.19
C GLU A 400 2.05 43.93 8.74
N ARG A 401 1.85 45.19 8.39
CA ARG A 401 1.36 45.61 7.08
C ARG A 401 2.09 44.94 5.89
N ASN A 402 3.41 44.87 5.98
CA ASN A 402 4.25 44.26 4.95
C ASN A 402 4.07 42.75 4.75
N ASN A 403 3.45 42.09 5.72
CA ASN A 403 3.20 40.64 5.66
C ASN A 403 1.95 40.27 4.87
N GLN A 404 1.26 41.27 4.33
CA GLN A 404 0.09 41.03 3.48
C GLN A 404 0.45 40.18 2.26
N ILE A 405 -0.23 39.05 2.15
CA ILE A 405 -0.02 38.13 1.04
C ILE A 405 -0.84 38.51 -0.19
N LEU A 406 -0.14 38.61 -1.31
CA LEU A 406 -0.73 38.95 -2.58
C LEU A 406 -0.80 37.73 -3.49
N GLU A 407 -1.83 37.67 -4.31
CA GLU A 407 -2.00 36.61 -5.28
C GLU A 407 -2.55 37.25 -6.54
N GLU A 408 -1.81 37.14 -7.64
CA GLU A 408 -2.14 37.84 -8.90
C GLU A 408 -2.20 39.36 -8.68
N ASN A 409 -1.29 39.86 -7.85
CA ASN A 409 -1.20 41.30 -7.52
C ASN A 409 -2.34 41.84 -6.63
N MET A 410 -3.21 40.95 -6.16
CA MET A 410 -4.35 41.33 -5.32
C MET A 410 -4.18 40.81 -3.90
N GLU A 411 -4.68 41.57 -2.94
CA GLU A 411 -4.65 41.19 -1.53
C GLU A 411 -5.55 39.96 -1.30
N VAL A 412 -4.95 38.90 -0.77
CA VAL A 412 -5.69 37.68 -0.46
C VAL A 412 -6.65 37.90 0.70
N GLU A 413 -7.93 37.60 0.47
CA GLU A 413 -8.94 37.59 1.52
C GLU A 413 -9.22 36.15 1.94
N ILE A 414 -9.47 35.95 3.23
CA ILE A 414 -9.90 34.66 3.76
C ILE A 414 -11.30 34.79 4.31
N TRP A 415 -12.15 33.82 4.00
CA TRP A 415 -13.42 33.65 4.68
C TRP A 415 -13.25 32.54 5.71
N THR A 416 -13.46 32.88 6.98
CA THR A 416 -13.20 31.96 8.09
C THR A 416 -14.38 31.00 8.32
N ARG A 417 -14.16 30.01 9.17
CA ARG A 417 -15.19 29.06 9.62
C ARG A 417 -16.48 29.73 10.07
N GLU A 418 -16.35 30.91 10.69
CA GLU A 418 -17.48 31.62 11.27
C GLU A 418 -17.98 32.77 10.39
N GLY A 419 -17.42 32.86 9.18
CA GLY A 419 -17.91 33.81 8.19
C GLY A 419 -17.37 35.22 8.31
N GLU A 420 -16.22 35.36 8.96
CA GLU A 420 -15.49 36.62 8.94
C GLU A 420 -14.66 36.69 7.68
N LYS A 421 -14.57 37.89 7.09
CA LYS A 421 -13.73 38.11 5.92
C LYS A 421 -12.50 38.88 6.37
N LYS A 422 -11.33 38.24 6.25
CA LYS A 422 -10.10 38.83 6.72
C LYS A 422 -8.98 38.69 5.71
N LYS A 423 -8.10 39.68 5.68
CA LYS A 423 -6.96 39.67 4.77
C LYS A 423 -5.87 38.76 5.31
N LEU A 424 -5.34 37.91 4.43
CA LEU A 424 -4.22 37.04 4.78
C LEU A 424 -2.95 37.85 5.00
N ARG A 425 -2.59 38.00 6.27
CA ARG A 425 -1.47 38.80 6.69
C ARG A 425 -0.85 38.10 7.91
N PRO A 426 -0.11 37.00 7.68
CA PRO A 426 0.39 36.22 8.81
C PRO A 426 1.48 36.94 9.60
N LYS A 427 1.61 36.59 10.88
CA LYS A 427 2.60 37.19 11.76
C LYS A 427 4.02 36.76 11.36
N TRP A 428 4.17 35.53 10.88
CA TRP A 428 5.46 35.01 10.39
C TRP A 428 5.35 34.63 8.93
N LEU A 429 6.32 35.05 8.13
CA LEU A 429 6.33 34.78 6.70
C LEU A 429 7.26 33.64 6.32
N ASP A 430 6.69 32.65 5.64
CA ASP A 430 7.43 31.55 5.08
C ASP A 430 6.98 31.38 3.63
N ALA A 431 7.86 31.70 2.69
CA ALA A 431 7.52 31.70 1.27
C ALA A 431 7.03 30.33 0.79
N ARG A 432 7.37 29.27 1.52
CA ARG A 432 6.93 27.92 1.18
C ARG A 432 5.41 27.74 1.26
N VAL A 433 4.74 28.50 2.13
CA VAL A 433 3.27 28.42 2.19
C VAL A 433 2.53 29.37 1.25
N TYR A 434 3.25 30.22 0.51
CA TYR A 434 2.60 31.18 -0.40
C TYR A 434 3.18 31.32 -1.82
N ALA A 435 4.42 30.90 -2.04
CA ALA A 435 5.08 31.06 -3.35
C ALA A 435 4.34 30.34 -4.48
N ASP A 436 4.20 29.02 -4.34
CA ASP A 436 3.46 28.21 -5.29
C ASP A 436 1.95 28.41 -5.06
N PRO A 437 1.17 28.62 -6.14
CA PRO A 437 -0.28 28.79 -5.99
C PRO A 437 -0.99 27.60 -5.31
N MET A 438 -0.50 26.39 -5.53
CA MET A 438 -1.07 25.20 -4.88
C MET A 438 -0.78 25.16 -3.39
N ALA A 439 0.44 25.53 -3.02
CA ALA A 439 0.82 25.68 -1.63
C ALA A 439 -0.01 26.76 -0.93
N LEU A 440 -0.24 27.88 -1.61
CA LEU A 440 -1.04 29.00 -1.09
C LEU A 440 -2.50 28.61 -0.86
N LYS A 441 -3.08 27.81 -1.75
CA LYS A 441 -4.45 27.33 -1.59
C LYS A 441 -4.60 26.51 -0.30
N ASP A 442 -3.61 25.65 -0.03
CA ASP A 442 -3.58 24.84 1.18
C ASP A 442 -3.46 25.71 2.43
N PHE A 443 -2.63 26.75 2.33
CA PHE A 443 -2.47 27.70 3.42
C PHE A 443 -3.71 28.58 3.63
N LYS A 444 -4.47 28.77 2.56
CA LYS A 444 -5.76 29.47 2.63
C LYS A 444 -6.81 28.60 3.32
N GLU A 445 -6.75 27.30 3.08
CA GLU A 445 -7.60 26.34 3.78
C GLU A 445 -7.23 26.29 5.26
N PHE A 446 -5.93 26.36 5.55
CA PHE A 446 -5.44 26.43 6.92
C PHE A 446 -5.93 27.68 7.67
N ALA A 447 -5.75 28.84 7.05
CA ALA A 447 -6.20 30.12 7.61
C ALA A 447 -7.71 30.20 7.83
N SER A 448 -8.46 29.44 7.03
CA SER A 448 -9.93 29.35 7.15
C SER A 448 -10.38 28.61 8.40
N GLY A 449 -9.53 27.72 8.92
CA GLY A 449 -9.90 26.82 10.00
C GLY A 449 -10.41 25.49 9.47
N ARG A 450 -10.13 25.21 8.20
CA ARG A 450 -10.62 23.99 7.55
C ARG A 450 -9.55 22.90 7.46
N LYS A 451 -8.42 23.11 8.13
CA LYS A 451 -7.39 22.08 8.28
C LYS A 451 -7.04 21.97 9.75
N GLY B 1 -26.48 10.09 -22.00
CA GLY B 1 -25.80 8.89 -22.55
C GLY B 1 -24.29 8.97 -22.45
N SER B 2 -23.61 7.98 -23.02
CA SER B 2 -22.13 7.95 -23.02
C SER B 2 -21.56 7.26 -24.25
N ALA B 3 -20.25 7.45 -24.47
CA ALA B 3 -19.51 6.66 -25.43
C ALA B 3 -19.11 5.34 -24.76
N MET B 4 -18.56 4.40 -25.53
CA MET B 4 -18.24 3.06 -25.03
C MET B 4 -17.20 3.07 -23.90
N GLY B 5 -16.36 4.12 -23.85
CA GLY B 5 -15.30 4.21 -22.87
C GLY B 5 -15.72 4.84 -21.56
N GLU B 6 -16.12 6.09 -21.63
CA GLU B 6 -16.35 6.93 -20.44
C GLU B 6 -17.67 6.64 -19.71
N PRO B 7 -17.77 7.09 -18.44
CA PRO B 7 -19.01 6.99 -17.68
C PRO B 7 -20.09 7.96 -18.16
N ASP B 8 -21.35 7.63 -17.88
CA ASP B 8 -22.51 8.43 -18.29
C ASP B 8 -22.61 9.76 -17.54
N TYR B 9 -23.04 10.79 -18.25
CA TYR B 9 -23.36 12.09 -17.65
C TYR B 9 -24.69 11.98 -16.90
N GLU B 10 -25.59 11.18 -17.46
CA GLU B 10 -26.93 11.01 -16.93
C GLU B 10 -26.95 9.81 -16.00
N VAL B 11 -27.16 10.09 -14.72
CA VAL B 11 -27.29 9.08 -13.70
C VAL B 11 -28.67 9.22 -13.09
N ASP B 12 -29.44 8.12 -13.09
CA ASP B 12 -30.77 8.09 -12.49
C ASP B 12 -30.76 8.62 -11.06
N GLU B 13 -31.48 9.71 -10.83
CA GLU B 13 -31.67 10.26 -9.50
C GLU B 13 -32.35 9.25 -8.57
N ASP B 14 -33.08 8.34 -9.20
CA ASP B 14 -33.80 7.27 -8.54
C ASP B 14 -32.93 6.41 -7.61
N ILE B 15 -31.70 6.14 -8.04
CA ILE B 15 -30.80 5.22 -7.33
C ILE B 15 -30.19 5.79 -6.04
N PHE B 16 -30.33 7.11 -5.85
CA PHE B 16 -29.78 7.81 -4.69
C PHE B 16 -30.78 7.99 -3.54
N ARG B 17 -32.04 7.64 -3.78
CA ARG B 17 -33.08 7.74 -2.76
C ARG B 17 -32.89 6.75 -1.64
N LYS B 18 -32.99 7.24 -0.41
CA LYS B 18 -33.01 6.39 0.78
C LYS B 18 -34.26 5.52 0.75
N LYS B 19 -34.11 4.29 1.25
CA LYS B 19 -35.14 3.24 1.13
C LYS B 19 -35.11 2.53 -0.23
N ARG B 20 -34.13 2.87 -1.07
CA ARG B 20 -34.01 2.27 -2.40
C ARG B 20 -32.77 1.37 -2.50
N LEU B 21 -33.02 0.09 -2.77
CA LEU B 21 -31.97 -0.86 -3.10
C LEU B 21 -32.10 -1.17 -4.59
N THR B 22 -31.04 -0.90 -5.34
CA THR B 22 -31.01 -1.17 -6.77
C THR B 22 -30.13 -2.40 -7.01
N ILE B 23 -30.71 -3.40 -7.68
CA ILE B 23 -29.96 -4.57 -8.13
C ILE B 23 -29.57 -4.38 -9.58
N MET B 24 -28.28 -4.14 -9.83
CA MET B 24 -27.77 -4.03 -11.19
C MET B 24 -27.30 -5.39 -11.68
N ASP B 25 -28.20 -6.03 -12.42
CA ASP B 25 -28.07 -7.42 -12.85
C ASP B 25 -27.63 -7.46 -14.31
N LEU B 26 -26.40 -7.05 -14.56
CA LEU B 26 -25.90 -6.91 -15.94
C LEU B 26 -24.83 -7.95 -16.25
N HIS B 27 -24.80 -8.42 -17.49
CA HIS B 27 -23.95 -9.55 -17.88
C HIS B 27 -22.45 -9.27 -17.74
N PRO B 28 -21.62 -10.33 -17.65
CA PRO B 28 -20.18 -10.13 -17.60
C PRO B 28 -19.69 -9.23 -18.71
N GLY B 29 -18.91 -8.21 -18.33
CA GLY B 29 -18.27 -7.31 -19.29
C GLY B 29 -19.13 -6.16 -19.75
N ALA B 30 -20.30 -6.01 -19.13
CA ALA B 30 -21.25 -4.95 -19.48
C ALA B 30 -20.80 -3.54 -19.08
N GLY B 31 -19.93 -3.44 -18.09
CA GLY B 31 -19.36 -2.17 -17.70
C GLY B 31 -19.77 -1.74 -16.30
N LYS B 32 -20.04 -2.72 -15.44
CA LYS B 32 -20.49 -2.46 -14.08
C LYS B 32 -19.42 -1.77 -13.25
N THR B 33 -18.23 -2.35 -13.26
CA THR B 33 -17.11 -1.88 -12.45
C THR B 33 -16.46 -0.62 -13.02
N LYS B 34 -16.24 -0.61 -14.34
CA LYS B 34 -15.35 0.37 -14.96
C LYS B 34 -16.04 1.44 -15.80
N ARG B 35 -17.36 1.34 -15.96
CA ARG B 35 -18.11 2.39 -16.65
C ARG B 35 -19.28 2.92 -15.82
N ILE B 36 -20.07 2.01 -15.27
CA ILE B 36 -21.25 2.38 -14.49
C ILE B 36 -20.87 2.96 -13.13
N LEU B 37 -20.02 2.24 -12.39
CA LEU B 37 -19.54 2.67 -11.08
C LEU B 37 -18.96 4.10 -11.02
N PRO B 38 -18.01 4.46 -11.91
CA PRO B 38 -17.55 5.86 -11.99
C PRO B 38 -18.64 6.93 -12.16
N SER B 39 -19.67 6.63 -12.95
CA SER B 39 -20.79 7.57 -13.16
C SER B 39 -21.52 7.82 -11.84
N ILE B 40 -21.79 6.73 -11.11
CA ILE B 40 -22.46 6.79 -9.83
C ILE B 40 -21.63 7.56 -8.81
N VAL B 41 -20.33 7.28 -8.76
CA VAL B 41 -19.43 7.92 -7.81
C VAL B 41 -19.29 9.42 -8.07
N ARG B 42 -19.12 9.80 -9.33
CA ARG B 42 -19.09 11.21 -9.73
C ARG B 42 -20.37 11.94 -9.33
N GLU B 43 -21.51 11.29 -9.57
CA GLU B 43 -22.80 11.85 -9.20
C GLU B 43 -23.03 11.87 -7.68
N ALA B 44 -22.46 10.89 -6.97
CA ALA B 44 -22.51 10.86 -5.50
C ALA B 44 -21.74 12.02 -4.87
N LEU B 45 -20.57 12.32 -5.43
CA LEU B 45 -19.73 13.45 -4.97
C LEU B 45 -20.42 14.80 -5.19
N LEU B 46 -21.05 14.99 -6.34
CA LEU B 46 -21.83 16.19 -6.62
C LEU B 46 -23.01 16.32 -5.67
N ARG B 47 -23.62 15.19 -5.32
CA ARG B 47 -24.73 15.15 -4.37
C ARG B 47 -24.27 15.25 -2.91
N ARG B 48 -22.95 15.18 -2.71
CA ARG B 48 -22.31 15.29 -1.39
C ARG B 48 -22.64 14.13 -0.45
N LEU B 49 -22.86 12.95 -1.04
CA LEU B 49 -23.25 11.77 -0.27
C LEU B 49 -22.04 11.07 0.33
N ARG B 50 -22.14 10.72 1.61
CA ARG B 50 -21.14 9.88 2.28
C ARG B 50 -21.25 8.46 1.70
N THR B 51 -20.21 8.05 0.96
CA THR B 51 -20.29 6.89 0.06
C THR B 51 -19.30 5.76 0.38
N LEU B 52 -19.79 4.52 0.31
CA LEU B 52 -18.96 3.33 0.50
C LEU B 52 -18.98 2.44 -0.74
N ILE B 53 -17.80 2.14 -1.26
CA ILE B 53 -17.66 1.20 -2.39
C ILE B 53 -17.00 -0.09 -1.92
N LEU B 54 -17.63 -1.23 -2.24
CA LEU B 54 -17.19 -2.53 -1.75
C LEU B 54 -16.76 -3.53 -2.83
N ALA B 55 -15.52 -4.00 -2.73
CA ALA B 55 -14.96 -5.03 -3.62
C ALA B 55 -14.81 -6.36 -2.87
N PRO B 56 -15.16 -7.50 -3.52
CA PRO B 56 -15.03 -8.80 -2.83
C PRO B 56 -13.59 -9.22 -2.59
N THR B 57 -12.70 -8.87 -3.53
CA THR B 57 -11.30 -9.25 -3.50
C THR B 57 -10.45 -8.05 -3.92
N ARG B 58 -9.13 -8.19 -3.80
CA ARG B 58 -8.19 -7.14 -4.17
C ARG B 58 -8.08 -6.99 -5.69
N VAL B 59 -8.37 -8.08 -6.41
CA VAL B 59 -8.44 -8.06 -7.87
C VAL B 59 -9.52 -7.09 -8.35
N VAL B 60 -10.73 -7.21 -7.82
CA VAL B 60 -11.82 -6.27 -8.11
C VAL B 60 -11.47 -4.84 -7.65
N ALA B 61 -10.83 -4.72 -6.48
CA ALA B 61 -10.41 -3.43 -5.95
C ALA B 61 -9.42 -2.69 -6.88
N ALA B 62 -8.47 -3.45 -7.44
CA ALA B 62 -7.46 -2.92 -8.37
C ALA B 62 -8.08 -2.47 -9.70
N GLU B 63 -9.10 -3.20 -10.14
CA GLU B 63 -9.88 -2.87 -11.33
C GLU B 63 -10.68 -1.57 -11.14
N MET B 64 -11.21 -1.39 -9.92
CA MET B 64 -11.94 -0.18 -9.56
C MET B 64 -11.05 1.05 -9.59
N GLU B 65 -9.87 0.95 -8.97
CA GLU B 65 -8.90 2.06 -8.95
C GLU B 65 -8.54 2.57 -10.35
N GLU B 66 -8.35 1.66 -11.30
CA GLU B 66 -8.09 2.03 -12.69
C GLU B 66 -9.17 2.95 -13.26
N ALA B 67 -10.43 2.60 -13.00
CA ALA B 67 -11.60 3.39 -13.44
C ALA B 67 -11.85 4.67 -12.63
N LEU B 68 -11.46 4.66 -11.35
CA LEU B 68 -11.77 5.75 -10.42
C LEU B 68 -10.59 6.69 -10.20
N ARG B 69 -9.49 6.44 -10.90
CA ARG B 69 -8.26 7.22 -10.74
C ARG B 69 -8.51 8.71 -10.98
N GLY B 70 -8.00 9.53 -10.07
CA GLY B 70 -8.23 10.97 -10.13
C GLY B 70 -9.32 11.47 -9.19
N LEU B 71 -10.32 10.62 -8.92
CA LEU B 71 -11.41 10.97 -8.01
C LEU B 71 -10.98 10.95 -6.54
N PRO B 72 -11.50 11.89 -5.72
CA PRO B 72 -11.15 11.95 -4.29
C PRO B 72 -11.72 10.78 -3.48
N ILE B 73 -11.07 9.64 -3.57
CA ILE B 73 -11.51 8.40 -2.92
C ILE B 73 -10.47 7.94 -1.88
N ARG B 74 -10.97 7.56 -0.70
CA ARG B 74 -10.13 6.97 0.34
C ARG B 74 -10.12 5.43 0.21
N TYR B 75 -8.97 4.89 -0.21
CA TYR B 75 -8.81 3.45 -0.36
C TYR B 75 -8.35 2.78 0.93
N GLN B 76 -9.16 1.85 1.43
CA GLN B 76 -8.85 1.13 2.66
C GLN B 76 -8.57 -0.33 2.35
N THR B 77 -7.54 -0.54 1.52
CA THR B 77 -7.12 -1.84 1.02
C THR B 77 -5.63 -1.79 0.64
N PRO B 78 -4.83 -2.79 1.08
CA PRO B 78 -3.42 -2.88 0.68
C PRO B 78 -3.21 -2.98 -0.85
N ALA B 79 -4.27 -3.29 -1.59
CA ALA B 79 -4.21 -3.38 -3.05
C ALA B 79 -3.92 -2.04 -3.73
N VAL B 80 -4.35 -0.94 -3.10
CA VAL B 80 -4.18 0.40 -3.67
C VAL B 80 -3.44 1.31 -2.69
N LYS B 81 -2.43 2.02 -3.22
CA LYS B 81 -1.76 3.07 -2.47
C LYS B 81 -2.03 4.41 -3.17
N SER B 82 -2.57 5.36 -2.42
CA SER B 82 -2.80 6.71 -2.94
C SER B 82 -2.84 7.74 -1.80
N ASP B 83 -2.44 8.97 -2.11
CA ASP B 83 -2.46 10.06 -1.14
C ASP B 83 -3.90 10.38 -0.75
N HIS B 84 -4.15 10.47 0.55
CA HIS B 84 -5.48 10.86 1.05
C HIS B 84 -5.43 12.09 1.95
N THR B 85 -6.26 13.08 1.62
CA THR B 85 -6.34 14.34 2.36
C THR B 85 -6.98 14.16 3.74
N GLY B 86 -7.87 13.17 3.85
CA GLY B 86 -8.59 12.90 5.10
C GLY B 86 -10.00 13.46 5.10
N ARG B 87 -10.31 14.29 4.09
CA ARG B 87 -11.63 14.89 3.93
C ARG B 87 -12.46 14.21 2.82
N GLU B 88 -12.04 13.02 2.42
CA GLU B 88 -12.77 12.22 1.43
C GLU B 88 -14.11 11.75 1.98
N ILE B 89 -15.17 11.92 1.19
CA ILE B 89 -16.50 11.43 1.57
C ILE B 89 -16.81 10.07 0.92
N VAL B 90 -15.89 9.59 0.08
CA VAL B 90 -16.02 8.29 -0.58
C VAL B 90 -14.94 7.32 -0.09
N ASP B 91 -15.39 6.20 0.47
CA ASP B 91 -14.49 5.15 0.98
C ASP B 91 -14.57 3.92 0.12
N LEU B 92 -13.43 3.30 -0.17
CA LEU B 92 -13.38 2.04 -0.89
C LEU B 92 -12.66 0.97 -0.08
N MET B 93 -13.26 -0.22 0.03
CA MET B 93 -12.66 -1.35 0.74
C MET B 93 -13.25 -2.68 0.30
N CYS B 94 -12.68 -3.77 0.81
CA CYS B 94 -13.21 -5.09 0.50
C CYS B 94 -14.39 -5.47 1.41
N HIS B 95 -15.24 -6.37 0.91
CA HIS B 95 -16.42 -6.85 1.61
C HIS B 95 -16.12 -7.26 3.06
N ALA B 96 -15.10 -8.11 3.22
CA ALA B 96 -14.71 -8.64 4.53
C ALA B 96 -14.08 -7.59 5.46
N THR B 97 -13.48 -6.56 4.86
CA THR B 97 -12.91 -5.45 5.62
C THR B 97 -14.01 -4.65 6.31
N PHE B 98 -15.10 -4.44 5.60
CA PHE B 98 -16.26 -3.72 6.11
C PHE B 98 -16.95 -4.46 7.27
N THR B 99 -17.19 -5.76 7.09
CA THR B 99 -17.77 -6.62 8.13
C THR B 99 -16.89 -6.65 9.39
N THR B 100 -15.57 -6.68 9.20
CA THR B 100 -14.59 -6.62 10.28
C THR B 100 -14.72 -5.30 11.06
N ARG B 101 -14.80 -4.19 10.33
CA ARG B 101 -15.01 -2.88 10.94
C ARG B 101 -16.34 -2.79 11.69
N LEU B 102 -17.37 -3.46 11.18
CA LEU B 102 -18.67 -3.52 11.83
C LEU B 102 -18.63 -4.30 13.14
N LEU B 103 -17.77 -5.31 13.18
CA LEU B 103 -17.61 -6.16 14.37
C LEU B 103 -16.65 -5.60 15.41
N SER B 104 -15.78 -4.67 14.99
CA SER B 104 -14.74 -4.12 15.86
C SER B 104 -15.25 -2.94 16.72
N SER B 105 -14.41 -2.51 17.67
CA SER B 105 -14.81 -1.56 18.72
C SER B 105 -15.01 -0.08 18.31
N THR B 106 -14.76 0.24 17.04
CA THR B 106 -14.99 1.58 16.47
C THR B 106 -15.31 1.40 15.00
N ARG B 107 -15.84 2.39 14.26
CA ARG B 107 -17.19 2.97 14.33
C ARG B 107 -17.28 3.42 12.88
N VAL B 108 -17.99 2.65 12.06
CA VAL B 108 -18.09 2.96 10.63
C VAL B 108 -18.77 4.31 10.40
N PRO B 109 -18.35 5.05 9.36
CA PRO B 109 -19.06 6.26 8.97
C PRO B 109 -20.51 5.95 8.58
N ASN B 110 -21.40 6.91 8.79
CA ASN B 110 -22.80 6.75 8.45
C ASN B 110 -23.04 7.02 6.96
N TYR B 111 -22.70 6.03 6.13
CA TYR B 111 -22.88 6.14 4.67
C TYR B 111 -24.36 6.22 4.32
N ASN B 112 -24.69 7.15 3.43
CA ASN B 112 -26.03 7.23 2.87
C ASN B 112 -26.13 6.65 1.46
N LEU B 113 -24.97 6.33 0.87
CA LEU B 113 -24.92 5.55 -0.36
C LEU B 113 -23.88 4.42 -0.24
N ILE B 114 -24.32 3.19 -0.48
CA ILE B 114 -23.42 2.04 -0.47
C ILE B 114 -23.53 1.29 -1.80
N VAL B 115 -22.40 1.17 -2.50
CA VAL B 115 -22.31 0.38 -3.72
C VAL B 115 -21.51 -0.91 -3.44
N MET B 116 -22.18 -2.06 -3.52
CA MET B 116 -21.50 -3.34 -3.40
C MET B 116 -21.40 -4.02 -4.76
N ASP B 117 -20.17 -4.12 -5.23
CA ASP B 117 -19.87 -4.84 -6.45
C ASP B 117 -19.72 -6.32 -6.11
N GLU B 118 -20.24 -7.18 -6.99
CA GLU B 118 -20.27 -8.64 -6.82
C GLU B 118 -21.12 -9.02 -5.60
N ALA B 119 -22.37 -8.56 -5.63
CA ALA B 119 -23.31 -8.68 -4.51
C ALA B 119 -23.89 -10.09 -4.34
N HIS B 120 -23.26 -11.06 -5.00
CA HIS B 120 -23.62 -12.46 -4.88
C HIS B 120 -22.58 -13.25 -4.06
N PHE B 121 -21.41 -12.63 -3.82
CA PHE B 121 -20.27 -13.26 -3.14
C PHE B 121 -20.70 -14.00 -1.88
N THR B 122 -20.41 -15.30 -1.81
CA THR B 122 -20.93 -16.18 -0.75
C THR B 122 -20.03 -16.33 0.48
N ASP B 123 -18.85 -15.72 0.43
CA ASP B 123 -18.01 -15.55 1.62
C ASP B 123 -18.90 -15.04 2.77
N PRO B 124 -18.80 -15.68 3.95
CA PRO B 124 -19.67 -15.35 5.08
C PRO B 124 -19.68 -13.88 5.49
N CYS B 125 -18.58 -13.17 5.26
CA CYS B 125 -18.48 -11.75 5.60
C CYS B 125 -19.26 -10.88 4.60
N SER B 126 -19.37 -11.37 3.37
CA SER B 126 -20.05 -10.68 2.30
C SER B 126 -21.57 -10.79 2.45
N VAL B 127 -22.03 -11.98 2.82
CA VAL B 127 -23.45 -12.23 3.08
C VAL B 127 -23.94 -11.39 4.28
N ALA B 128 -23.13 -11.36 5.33
CA ALA B 128 -23.42 -10.57 6.53
C ALA B 128 -23.43 -9.07 6.21
N ALA B 129 -22.49 -8.64 5.36
CA ALA B 129 -22.40 -7.25 4.91
C ALA B 129 -23.66 -6.83 4.17
N ARG B 130 -24.16 -7.70 3.29
CA ARG B 130 -25.44 -7.47 2.59
C ARG B 130 -26.63 -7.37 3.55
N GLY B 131 -26.56 -8.10 4.66
CA GLY B 131 -27.60 -8.07 5.68
C GLY B 131 -27.66 -6.71 6.35
N TYR B 132 -26.49 -6.16 6.63
CA TYR B 132 -26.35 -4.83 7.22
C TYR B 132 -26.84 -3.74 6.25
N ILE B 133 -26.31 -3.77 5.03
CA ILE B 133 -26.65 -2.79 4.00
C ILE B 133 -28.14 -2.77 3.72
N SER B 134 -28.75 -3.94 3.54
CA SER B 134 -30.19 -4.02 3.27
C SER B 134 -31.09 -3.54 4.42
N THR B 135 -30.61 -3.63 5.67
CA THR B 135 -31.38 -3.07 6.79
C THR B 135 -31.22 -1.56 6.91
N ARG B 136 -30.03 -1.05 6.57
CA ARG B 136 -29.78 0.40 6.47
C ARG B 136 -30.71 1.07 5.45
N VAL B 137 -30.89 0.41 4.31
CA VAL B 137 -31.82 0.87 3.27
C VAL B 137 -33.26 0.78 3.78
N GLU B 138 -33.61 -0.37 4.36
CA GLU B 138 -34.95 -0.59 4.88
C GLU B 138 -35.35 0.45 5.94
N MET B 139 -34.38 0.85 6.76
CA MET B 139 -34.59 1.86 7.79
C MET B 139 -34.69 3.27 7.24
N GLY B 140 -34.39 3.44 5.97
CA GLY B 140 -34.38 4.77 5.33
C GLY B 140 -33.13 5.57 5.67
N GLU B 141 -32.04 4.86 5.97
CA GLU B 141 -30.78 5.52 6.34
C GLU B 141 -29.78 5.55 5.19
N ALA B 142 -29.99 4.71 4.17
CA ALA B 142 -29.11 4.67 3.00
C ALA B 142 -29.82 4.26 1.72
N ALA B 143 -29.22 4.65 0.59
CA ALA B 143 -29.50 4.05 -0.71
C ALA B 143 -28.38 3.06 -0.97
N ALA B 144 -28.70 1.95 -1.63
CA ALA B 144 -27.70 0.93 -1.92
C ALA B 144 -27.83 0.38 -3.33
N ILE B 145 -26.68 0.07 -3.93
CA ILE B 145 -26.64 -0.54 -5.24
C ILE B 145 -25.86 -1.84 -5.15
N PHE B 146 -26.51 -2.93 -5.55
CA PHE B 146 -25.91 -4.25 -5.60
C PHE B 146 -25.65 -4.59 -7.05
N MET B 147 -24.38 -4.69 -7.43
CA MET B 147 -24.01 -5.00 -8.81
C MET B 147 -23.50 -6.44 -8.89
N THR B 148 -24.07 -7.23 -9.79
CA THR B 148 -23.62 -8.60 -10.04
C THR B 148 -24.28 -9.21 -11.27
N ALA B 149 -23.51 -9.97 -12.05
CA ALA B 149 -24.03 -10.69 -13.22
C ALA B 149 -24.76 -11.95 -12.79
N THR B 150 -24.43 -12.43 -11.60
CA THR B 150 -25.02 -13.67 -11.08
C THR B 150 -25.75 -13.45 -9.76
N PRO B 151 -26.90 -12.73 -9.78
CA PRO B 151 -27.62 -12.46 -8.53
C PRO B 151 -28.15 -13.77 -7.93
N PRO B 152 -28.40 -13.79 -6.60
CA PRO B 152 -28.93 -15.01 -6.00
C PRO B 152 -30.08 -15.62 -6.82
N GLY B 153 -30.05 -16.94 -7.01
CA GLY B 153 -31.02 -17.63 -7.85
C GLY B 153 -30.56 -17.89 -9.28
N SER B 154 -29.32 -17.52 -9.60
CA SER B 154 -28.71 -17.77 -10.91
C SER B 154 -28.43 -19.24 -11.15
N THR B 155 -28.95 -19.76 -12.26
CA THR B 155 -28.76 -21.17 -12.61
C THR B 155 -28.05 -21.36 -13.95
N ASP B 156 -27.82 -20.26 -14.66
CA ASP B 156 -27.25 -20.31 -16.00
C ASP B 156 -25.72 -20.13 -15.98
N PRO B 157 -24.97 -21.22 -16.27
CA PRO B 157 -23.50 -21.18 -16.25
C PRO B 157 -22.90 -20.49 -17.49
N PHE B 158 -23.74 -20.21 -18.48
CA PHE B 158 -23.30 -19.67 -19.75
C PHE B 158 -24.03 -18.37 -20.15
N PRO B 159 -23.90 -17.30 -19.34
CA PRO B 159 -24.64 -16.08 -19.65
C PRO B 159 -24.14 -15.33 -20.89
N GLN B 160 -24.80 -14.20 -21.20
CA GLN B 160 -24.42 -13.34 -22.31
C GLN B 160 -23.00 -12.80 -22.15
N SER B 161 -22.31 -12.63 -23.28
CA SER B 161 -20.98 -12.04 -23.29
C SER B 161 -20.83 -10.99 -24.41
N ASN B 162 -19.75 -10.21 -24.34
CA ASN B 162 -19.47 -9.18 -25.35
C ASN B 162 -19.07 -9.79 -26.70
N SER B 163 -18.38 -10.93 -26.63
CA SER B 163 -17.98 -11.71 -27.78
C SER B 163 -18.43 -13.16 -27.65
N PRO B 164 -18.64 -13.86 -28.78
CA PRO B 164 -18.97 -15.29 -28.74
C PRO B 164 -17.93 -16.12 -27.98
N ILE B 165 -18.39 -17.07 -27.17
CA ILE B 165 -17.49 -17.95 -26.42
C ILE B 165 -17.66 -19.38 -26.88
N GLU B 166 -16.55 -20.03 -27.20
CA GLU B 166 -16.56 -21.44 -27.53
C GLU B 166 -16.47 -22.28 -26.25
N ASP B 167 -17.61 -22.84 -25.83
CA ASP B 167 -17.67 -23.69 -24.64
C ASP B 167 -17.29 -25.12 -24.99
N ILE B 168 -16.26 -25.62 -24.31
CA ILE B 168 -15.69 -26.93 -24.60
C ILE B 168 -15.59 -27.77 -23.32
N GLU B 169 -16.19 -28.94 -23.31
CA GLU B 169 -16.04 -29.86 -22.19
C GLU B 169 -14.97 -30.93 -22.43
N ARG B 170 -13.95 -30.92 -21.58
CA ARG B 170 -12.83 -31.85 -21.66
C ARG B 170 -12.44 -32.25 -20.24
N GLU B 171 -11.76 -33.39 -20.11
CA GLU B 171 -11.12 -33.72 -18.85
C GLU B 171 -10.00 -32.72 -18.57
N ILE B 172 -9.91 -32.27 -17.32
CA ILE B 172 -8.88 -31.31 -16.92
C ILE B 172 -8.07 -31.93 -15.75
N PRO B 173 -6.73 -31.94 -15.86
CA PRO B 173 -5.90 -32.54 -14.81
C PRO B 173 -5.95 -31.76 -13.51
N GLU B 174 -6.09 -32.47 -12.40
CA GLU B 174 -6.09 -31.87 -11.07
C GLU B 174 -4.67 -31.77 -10.54
N ARG B 175 -3.81 -32.66 -11.04
CA ARG B 175 -2.39 -32.76 -10.63
C ARG B 175 -1.48 -32.62 -11.85
N SER B 176 -0.17 -32.70 -11.62
CA SER B 176 0.82 -32.75 -12.71
C SER B 176 0.51 -33.88 -13.69
N TRP B 177 0.98 -33.75 -14.92
CA TRP B 177 0.77 -34.77 -15.94
C TRP B 177 2.00 -34.93 -16.83
N ASN B 178 2.39 -36.18 -17.06
CA ASN B 178 3.46 -36.50 -18.00
C ASN B 178 2.99 -36.34 -19.44
N THR B 179 1.75 -36.77 -19.67
CA THR B 179 1.26 -37.03 -21.02
C THR B 179 -0.27 -36.99 -21.07
N GLY B 180 -0.82 -36.94 -22.28
CA GLY B 180 -2.26 -37.06 -22.51
C GLY B 180 -3.05 -35.76 -22.58
N PHE B 181 -2.39 -34.63 -22.34
CA PHE B 181 -3.07 -33.35 -22.30
C PHE B 181 -2.38 -32.29 -23.15
N ASP B 182 -2.07 -32.65 -24.40
CA ASP B 182 -1.34 -31.77 -25.32
C ASP B 182 -2.10 -30.50 -25.68
N TRP B 183 -3.43 -30.56 -25.68
CA TRP B 183 -4.29 -29.42 -25.98
C TRP B 183 -4.04 -28.20 -25.08
N ILE B 184 -3.54 -28.45 -23.87
CA ILE B 184 -3.23 -27.41 -22.90
C ILE B 184 -2.05 -26.54 -23.36
N THR B 185 -0.99 -27.22 -23.79
CA THR B 185 0.25 -26.56 -24.14
C THR B 185 0.38 -26.23 -25.64
N ASP B 186 -0.47 -26.82 -26.47
CA ASP B 186 -0.47 -26.54 -27.92
C ASP B 186 -1.17 -25.21 -28.25
N TYR B 187 -2.07 -24.78 -27.37
CA TYR B 187 -2.79 -23.51 -27.49
C TYR B 187 -1.80 -22.33 -27.58
N GLN B 188 -2.11 -21.36 -28.45
CA GLN B 188 -1.20 -20.23 -28.70
C GLN B 188 -1.49 -18.96 -27.89
N GLY B 189 -2.75 -18.75 -27.53
CA GLY B 189 -3.15 -17.53 -26.81
C GLY B 189 -2.82 -17.52 -25.32
N LYS B 190 -3.55 -16.70 -24.57
CA LYS B 190 -3.35 -16.56 -23.13
C LYS B 190 -4.46 -17.28 -22.36
N THR B 191 -4.06 -18.06 -21.35
CA THR B 191 -4.98 -18.89 -20.59
C THR B 191 -5.06 -18.49 -19.12
N VAL B 192 -6.28 -18.48 -18.59
CA VAL B 192 -6.52 -18.32 -17.15
C VAL B 192 -7.02 -19.66 -16.63
N TRP B 193 -6.29 -20.24 -15.70
CA TRP B 193 -6.60 -21.57 -15.16
C TRP B 193 -7.00 -21.46 -13.68
N PHE B 194 -8.22 -21.87 -13.37
CA PHE B 194 -8.73 -21.82 -12.00
C PHE B 194 -8.41 -23.08 -11.20
N VAL B 195 -7.69 -22.90 -10.10
CA VAL B 195 -7.35 -24.01 -9.21
C VAL B 195 -8.08 -23.89 -7.86
N PRO B 196 -8.43 -25.03 -7.24
CA PRO B 196 -9.16 -25.00 -5.97
C PRO B 196 -8.28 -24.60 -4.78
N SER B 197 -6.96 -24.77 -4.92
CA SER B 197 -6.02 -24.45 -3.86
C SER B 197 -4.69 -23.94 -4.41
N ILE B 198 -3.89 -23.33 -3.54
CA ILE B 198 -2.56 -22.84 -3.88
C ILE B 198 -1.59 -24.03 -4.03
N LYS B 199 -1.81 -25.07 -3.21
CA LYS B 199 -1.05 -26.32 -3.30
C LYS B 199 -1.17 -26.92 -4.71
N ALA B 200 -2.42 -27.10 -5.17
CA ALA B 200 -2.70 -27.63 -6.50
C ALA B 200 -2.18 -26.68 -7.57
N GLY B 201 -2.32 -25.39 -7.32
CA GLY B 201 -1.81 -24.35 -8.22
C GLY B 201 -0.32 -24.40 -8.39
N ASN B 202 0.40 -24.74 -7.32
CA ASN B 202 1.86 -24.88 -7.34
C ASN B 202 2.34 -25.99 -8.26
N ASP B 203 1.78 -27.20 -8.10
CA ASP B 203 2.21 -28.35 -8.89
C ASP B 203 1.68 -28.38 -10.33
N ILE B 204 0.67 -27.56 -10.62
CA ILE B 204 0.19 -27.35 -11.98
C ILE B 204 1.08 -26.30 -12.68
N ALA B 205 1.48 -25.27 -11.93
CA ALA B 205 2.28 -24.18 -12.48
C ALA B 205 3.72 -24.57 -12.80
N ASN B 206 4.32 -25.40 -11.96
CA ASN B 206 5.68 -25.88 -12.23
C ASN B 206 5.70 -26.96 -13.32
N CYS B 207 4.56 -27.60 -13.53
CA CYS B 207 4.37 -28.56 -14.61
C CYS B 207 4.31 -27.85 -15.96
N LEU B 208 3.71 -26.66 -15.96
CA LEU B 208 3.63 -25.83 -17.17
C LEU B 208 4.97 -25.16 -17.51
N ARG B 209 5.71 -24.74 -16.49
CA ARG B 209 6.98 -24.04 -16.68
C ARG B 209 8.07 -24.92 -17.31
N LYS B 210 8.08 -26.20 -16.96
CA LYS B 210 9.05 -27.15 -17.52
C LYS B 210 8.75 -27.46 -18.99
N SER B 211 7.65 -26.90 -19.49
CA SER B 211 7.31 -26.96 -20.90
C SER B 211 7.67 -25.63 -21.57
N GLY B 212 8.46 -24.82 -20.86
CA GLY B 212 8.89 -23.50 -21.35
C GLY B 212 7.77 -22.47 -21.42
N LYS B 213 6.84 -22.57 -20.49
CA LYS B 213 5.67 -21.69 -20.46
C LYS B 213 5.85 -20.59 -19.42
N ARG B 214 5.43 -19.38 -19.77
CA ARG B 214 5.48 -18.23 -18.86
C ARG B 214 4.23 -18.18 -17.98
N VAL B 215 4.43 -18.50 -16.70
CA VAL B 215 3.32 -18.74 -15.78
C VAL B 215 3.33 -17.73 -14.62
N ILE B 216 2.17 -17.09 -14.40
CA ILE B 216 1.94 -16.23 -13.25
C ILE B 216 0.98 -16.90 -12.28
N GLN B 217 1.38 -16.97 -11.02
CA GLN B 217 0.54 -17.57 -9.99
C GLN B 217 -0.16 -16.48 -9.17
N LEU B 218 -1.49 -16.52 -9.16
CA LEU B 218 -2.31 -15.56 -8.41
C LEU B 218 -3.07 -16.22 -7.28
N SER B 219 -2.95 -15.62 -6.09
CA SER B 219 -3.67 -16.01 -4.88
C SER B 219 -3.48 -14.92 -3.84
N ARG B 220 -4.07 -15.12 -2.66
CA ARG B 220 -3.97 -14.15 -1.57
C ARG B 220 -2.51 -13.91 -1.20
N LYS B 221 -1.66 -14.90 -1.45
CA LYS B 221 -0.27 -14.89 -0.99
C LYS B 221 0.69 -14.21 -1.96
N THR B 222 0.35 -14.22 -3.24
CA THR B 222 1.21 -13.66 -4.27
C THR B 222 0.60 -12.47 -5.01
N PHE B 223 -0.60 -12.05 -4.61
CA PHE B 223 -1.28 -10.93 -5.30
C PHE B 223 -0.41 -9.70 -5.56
N ASP B 224 0.27 -9.22 -4.52
CA ASP B 224 0.92 -7.90 -4.55
C ASP B 224 1.96 -7.72 -5.66
N THR B 225 2.84 -8.70 -5.82
CA THR B 225 3.92 -8.61 -6.80
C THR B 225 3.48 -9.16 -8.15
N GLU B 226 2.47 -10.03 -8.14
CA GLU B 226 2.07 -10.80 -9.33
C GLU B 226 0.93 -10.20 -10.17
N TYR B 227 -0.01 -9.50 -9.54
CA TYR B 227 -1.13 -8.93 -10.27
C TYR B 227 -0.73 -7.83 -11.28
N PRO B 228 0.26 -6.98 -10.95
CA PRO B 228 0.76 -6.05 -11.98
C PRO B 228 1.38 -6.75 -13.19
N LYS B 229 1.86 -7.99 -13.00
CA LYS B 229 2.47 -8.77 -14.08
C LYS B 229 1.45 -9.31 -15.08
N THR B 230 0.20 -9.48 -14.64
CA THR B 230 -0.90 -9.87 -15.52
C THR B 230 -1.26 -8.71 -16.44
N LYS B 231 -1.02 -7.49 -15.97
CA LYS B 231 -1.22 -6.28 -16.76
C LYS B 231 -0.05 -6.07 -17.73
N LEU B 232 0.47 -7.17 -18.27
CA LEU B 232 1.58 -7.16 -19.23
C LEU B 232 1.41 -8.19 -20.34
N THR B 233 2.30 -8.12 -21.32
CA THR B 233 2.29 -8.96 -22.51
C THR B 233 3.10 -10.25 -22.30
N ASP B 234 3.77 -10.34 -21.15
CA ASP B 234 4.83 -11.32 -20.96
C ASP B 234 4.38 -12.61 -20.27
N TRP B 235 3.14 -13.04 -20.52
CA TRP B 235 2.66 -14.29 -19.95
C TRP B 235 1.85 -15.17 -20.88
N ASP B 236 1.87 -16.47 -20.59
CA ASP B 236 1.09 -17.46 -21.32
C ASP B 236 -0.07 -17.97 -20.46
N PHE B 237 0.24 -18.29 -19.21
CA PHE B 237 -0.72 -18.82 -18.27
C PHE B 237 -0.82 -17.99 -17.01
N VAL B 238 -2.03 -17.74 -16.56
CA VAL B 238 -2.29 -17.30 -15.19
C VAL B 238 -2.93 -18.49 -14.49
N VAL B 239 -2.22 -19.04 -13.49
CA VAL B 239 -2.76 -20.10 -12.65
C VAL B 239 -3.25 -19.44 -11.39
N THR B 240 -4.57 -19.40 -11.22
CA THR B 240 -5.18 -18.57 -10.18
C THR B 240 -6.21 -19.32 -9.32
N THR B 241 -6.30 -18.91 -8.05
CA THR B 241 -7.39 -19.32 -7.18
C THR B 241 -8.60 -18.45 -7.47
N ASP B 242 -9.63 -18.55 -6.62
CA ASP B 242 -10.85 -17.75 -6.76
C ASP B 242 -10.65 -16.28 -6.42
N ILE B 243 -9.41 -15.87 -6.22
CA ILE B 243 -9.11 -14.43 -6.05
C ILE B 243 -9.47 -13.68 -7.33
N SER B 244 -9.38 -14.38 -8.47
CA SER B 244 -9.61 -13.82 -9.79
C SER B 244 -10.95 -14.24 -10.39
N GLU B 245 -11.78 -14.95 -9.62
CA GLU B 245 -13.07 -15.45 -10.10
C GLU B 245 -13.98 -14.32 -10.61
N MET B 246 -13.90 -13.18 -9.94
CA MET B 246 -14.71 -12.01 -10.28
C MET B 246 -13.87 -10.85 -10.78
N GLY B 247 -14.49 -10.00 -11.60
CA GLY B 247 -13.99 -8.66 -11.90
C GLY B 247 -12.81 -8.49 -12.82
N ALA B 248 -11.96 -9.52 -12.90
CA ALA B 248 -10.69 -9.42 -13.60
C ALA B 248 -10.85 -9.19 -15.09
N ASN B 249 -10.01 -8.32 -15.63
CA ASN B 249 -9.92 -8.07 -17.07
C ASN B 249 -8.54 -8.48 -17.60
N PHE B 250 -8.31 -9.79 -17.63
CA PHE B 250 -7.00 -10.35 -17.98
C PHE B 250 -6.55 -10.16 -19.44
N ARG B 251 -7.49 -9.82 -20.33
CA ARG B 251 -7.21 -9.74 -21.76
C ARG B 251 -6.71 -11.08 -22.33
N ALA B 252 -7.32 -12.15 -21.84
CA ALA B 252 -6.94 -13.51 -22.22
C ALA B 252 -7.83 -14.07 -23.33
N GLY B 253 -7.47 -15.23 -23.85
CA GLY B 253 -8.26 -15.91 -24.87
C GLY B 253 -8.99 -17.15 -24.39
N ARG B 254 -8.52 -17.74 -23.28
CA ARG B 254 -9.05 -19.01 -22.79
C ARG B 254 -9.15 -19.11 -21.26
N VAL B 255 -10.24 -19.68 -20.78
CA VAL B 255 -10.36 -20.11 -19.39
C VAL B 255 -10.40 -21.65 -19.33
N ILE B 256 -9.58 -22.21 -18.45
CA ILE B 256 -9.67 -23.62 -18.06
C ILE B 256 -10.31 -23.69 -16.66
N ASP B 257 -11.48 -24.31 -16.59
CA ASP B 257 -12.26 -24.37 -15.36
C ASP B 257 -12.67 -25.83 -15.03
N PRO B 258 -11.95 -26.45 -14.07
CA PRO B 258 -12.23 -27.81 -13.59
C PRO B 258 -13.56 -27.89 -12.84
N ARG B 259 -14.09 -26.73 -12.44
CA ARG B 259 -15.40 -26.58 -11.78
C ARG B 259 -15.51 -27.38 -10.49
N ARG B 260 -14.40 -27.49 -9.76
CA ARG B 260 -14.37 -28.23 -8.49
C ARG B 260 -13.82 -27.35 -7.38
N CYS B 261 -14.15 -27.68 -6.14
CA CYS B 261 -13.68 -26.97 -4.96
C CYS B 261 -13.96 -27.80 -3.70
N LEU B 262 -13.18 -27.55 -2.66
CA LEU B 262 -13.48 -28.07 -1.33
C LEU B 262 -14.44 -27.15 -0.62
N LYS B 263 -15.41 -27.73 0.06
CA LYS B 263 -16.45 -26.97 0.76
C LYS B 263 -16.42 -27.33 2.25
N PRO B 264 -16.32 -26.30 3.13
CA PRO B 264 -16.53 -26.58 4.55
C PRO B 264 -17.99 -26.93 4.86
N VAL B 265 -18.19 -28.04 5.56
CA VAL B 265 -19.53 -28.51 5.93
C VAL B 265 -19.62 -28.70 7.45
N ILE B 266 -20.68 -28.16 8.05
CA ILE B 266 -20.95 -28.38 9.46
C ILE B 266 -21.73 -29.68 9.63
N LEU B 267 -21.13 -30.64 10.34
CA LEU B 267 -21.76 -31.94 10.59
C LEU B 267 -22.54 -31.90 11.91
N THR B 268 -23.76 -32.42 11.87
CA THR B 268 -24.67 -32.36 13.01
C THR B 268 -24.94 -33.74 13.63
N ASP B 269 -24.64 -34.80 12.87
CA ASP B 269 -24.73 -36.16 13.38
C ASP B 269 -23.55 -36.44 14.29
N GLY B 270 -23.83 -36.64 15.58
CA GLY B 270 -22.78 -36.71 16.60
C GLY B 270 -22.43 -35.32 17.09
N PRO B 271 -21.34 -35.18 17.85
CA PRO B 271 -20.87 -33.84 18.22
C PRO B 271 -20.56 -32.98 16.99
N GLU B 272 -20.98 -31.73 17.04
CA GLU B 272 -20.87 -30.81 15.90
C GLU B 272 -19.42 -30.45 15.58
N ARG B 273 -19.08 -30.54 14.29
CA ARG B 273 -17.73 -30.26 13.82
C ARG B 273 -17.77 -29.83 12.34
N VAL B 274 -16.65 -29.29 11.86
CA VAL B 274 -16.53 -28.90 10.46
C VAL B 274 -15.56 -29.81 9.71
N ILE B 275 -15.98 -30.23 8.51
CA ILE B 275 -15.15 -31.02 7.61
C ILE B 275 -14.91 -30.23 6.34
N LEU B 276 -13.92 -30.67 5.56
CA LEU B 276 -13.74 -30.18 4.20
C LEU B 276 -14.20 -31.26 3.22
N ALA B 277 -15.39 -31.02 2.66
CA ALA B 277 -16.03 -31.94 1.74
C ALA B 277 -15.57 -31.68 0.32
N GLY B 278 -15.52 -32.73 -0.49
CA GLY B 278 -15.13 -32.61 -1.89
C GLY B 278 -13.76 -33.17 -2.24
N PRO B 279 -13.16 -32.70 -3.35
CA PRO B 279 -13.71 -31.61 -4.19
C PRO B 279 -15.08 -31.92 -4.78
N ILE B 280 -15.95 -30.90 -4.75
CA ILE B 280 -17.32 -31.01 -5.28
C ILE B 280 -17.51 -29.98 -6.39
N PRO B 281 -18.51 -30.18 -7.28
CA PRO B 281 -18.80 -29.17 -8.29
C PRO B 281 -19.04 -27.77 -7.70
N VAL B 282 -18.60 -26.74 -8.40
CA VAL B 282 -18.90 -25.36 -8.03
C VAL B 282 -20.34 -25.03 -8.39
N THR B 283 -20.82 -23.92 -7.86
CA THR B 283 -22.16 -23.41 -8.16
C THR B 283 -22.21 -22.90 -9.61
N PRO B 284 -23.41 -22.87 -10.22
CA PRO B 284 -23.63 -22.25 -11.53
C PRO B 284 -23.18 -20.79 -11.59
N ALA B 285 -23.32 -20.04 -10.50
CA ALA B 285 -22.83 -18.67 -10.43
C ALA B 285 -21.31 -18.56 -10.50
N SER B 286 -20.60 -19.49 -9.84
CA SER B 286 -19.13 -19.55 -9.89
C SER B 286 -18.60 -19.91 -11.27
N ALA B 287 -19.22 -20.91 -11.89
CA ALA B 287 -18.89 -21.31 -13.27
C ALA B 287 -19.08 -20.13 -14.24
N ALA B 288 -20.23 -19.45 -14.11
CA ALA B 288 -20.56 -18.26 -14.88
C ALA B 288 -19.57 -17.10 -14.72
N GLN B 289 -19.11 -16.88 -13.48
CA GLN B 289 -18.13 -15.83 -13.16
C GLN B 289 -16.74 -16.13 -13.74
N ARG B 290 -16.32 -17.38 -13.65
CA ARG B 290 -15.03 -17.86 -14.20
C ARG B 290 -15.02 -17.82 -15.72
N ARG B 291 -16.13 -18.22 -16.33
CA ARG B 291 -16.31 -18.15 -17.77
C ARG B 291 -16.34 -16.68 -18.22
N GLY B 292 -16.82 -15.82 -17.31
CA GLY B 292 -16.94 -14.39 -17.57
C GLY B 292 -15.62 -13.64 -17.69
N ARG B 293 -14.52 -14.31 -17.35
CA ARG B 293 -13.18 -13.72 -17.51
C ARG B 293 -12.81 -13.52 -18.98
N ILE B 294 -13.39 -14.34 -19.86
CA ILE B 294 -13.18 -14.22 -21.30
C ILE B 294 -14.49 -13.91 -22.08
N GLY B 295 -14.37 -13.72 -23.39
CA GLY B 295 -15.48 -13.23 -24.20
C GLY B 295 -15.83 -11.76 -23.90
N ARG B 296 -14.86 -11.01 -23.36
CA ARG B 296 -15.11 -9.64 -22.91
C ARG B 296 -14.75 -8.59 -23.96
N ASN B 297 -13.85 -8.97 -24.87
CA ASN B 297 -13.36 -8.07 -25.91
C ASN B 297 -14.15 -8.27 -27.20
N PRO B 298 -14.99 -7.28 -27.59
CA PRO B 298 -15.82 -7.36 -28.80
C PRO B 298 -15.02 -7.48 -30.10
N ALA B 299 -13.74 -7.08 -30.05
CA ALA B 299 -12.83 -7.20 -31.19
C ALA B 299 -12.14 -8.58 -31.25
N GLN B 300 -12.27 -9.35 -30.18
CA GLN B 300 -11.67 -10.70 -30.12
C GLN B 300 -12.78 -11.77 -30.01
N GLU B 301 -12.99 -12.50 -31.10
CA GLU B 301 -14.21 -13.30 -31.28
C GLU B 301 -14.09 -14.81 -31.07
N ASP B 302 -12.87 -15.32 -30.89
CA ASP B 302 -12.67 -16.77 -30.76
C ASP B 302 -12.18 -17.27 -29.39
N ASP B 303 -12.57 -16.57 -28.33
CA ASP B 303 -12.27 -16.99 -26.96
C ASP B 303 -12.86 -18.36 -26.62
N GLN B 304 -12.22 -19.06 -25.69
CA GLN B 304 -12.62 -20.41 -25.31
C GLN B 304 -12.82 -20.56 -23.80
N TYR B 305 -13.83 -21.34 -23.43
CA TYR B 305 -14.02 -21.75 -22.05
C TYR B 305 -14.02 -23.28 -21.99
N VAL B 306 -12.94 -23.83 -21.44
CA VAL B 306 -12.80 -25.28 -21.32
C VAL B 306 -13.14 -25.68 -19.89
N PHE B 307 -14.18 -26.48 -19.74
CA PHE B 307 -14.69 -26.85 -18.43
C PHE B 307 -14.81 -28.37 -18.32
N SER B 308 -15.09 -28.86 -17.11
CA SER B 308 -15.32 -30.28 -16.87
C SER B 308 -16.42 -30.50 -15.84
N GLY B 309 -17.48 -31.20 -16.25
CA GLY B 309 -18.60 -31.55 -15.37
C GLY B 309 -19.69 -30.49 -15.24
N ASP B 310 -20.82 -30.89 -14.67
CA ASP B 310 -21.94 -29.99 -14.39
C ASP B 310 -21.69 -29.22 -13.10
N PRO B 311 -22.31 -28.02 -12.97
CA PRO B 311 -22.28 -27.34 -11.68
C PRO B 311 -23.23 -27.99 -10.66
N LEU B 312 -23.06 -27.62 -9.39
CA LEU B 312 -23.98 -28.06 -8.34
C LEU B 312 -24.54 -26.81 -7.66
N LYS B 313 -25.84 -26.60 -7.86
CA LYS B 313 -26.53 -25.42 -7.36
C LYS B 313 -26.80 -25.47 -5.85
N ASN B 314 -27.07 -26.67 -5.35
CA ASN B 314 -27.41 -26.85 -3.95
C ASN B 314 -26.17 -26.75 -3.05
N ASP B 315 -26.05 -25.63 -2.33
CA ASP B 315 -24.96 -25.45 -1.38
C ASP B 315 -25.46 -25.15 0.04
N GLU B 316 -26.67 -25.62 0.33
CA GLU B 316 -27.28 -25.41 1.65
C GLU B 316 -26.45 -25.95 2.82
N ASP B 317 -25.67 -27.01 2.57
CA ASP B 317 -24.84 -27.61 3.61
C ASP B 317 -23.47 -26.94 3.78
N HIS B 318 -23.17 -25.95 2.94
CA HIS B 318 -21.96 -25.15 3.05
C HIS B 318 -22.02 -24.31 4.30
N ALA B 319 -20.93 -24.30 5.06
CA ALA B 319 -20.85 -23.60 6.34
C ALA B 319 -21.04 -22.07 6.26
N HIS B 320 -20.91 -21.48 5.07
CA HIS B 320 -20.93 -20.02 4.95
C HIS B 320 -22.28 -19.38 5.29
N TRP B 321 -23.36 -20.16 5.23
CA TRP B 321 -24.70 -19.66 5.56
C TRP B 321 -24.91 -19.54 7.08
N THR B 322 -24.40 -20.52 7.84
CA THR B 322 -24.42 -20.48 9.30
C THR B 322 -23.46 -19.40 9.79
N GLU B 323 -22.27 -19.37 9.21
CA GLU B 323 -21.21 -18.44 9.60
C GLU B 323 -21.58 -16.99 9.34
N ALA B 324 -22.22 -16.72 8.19
CA ALA B 324 -22.73 -15.38 7.88
C ALA B 324 -23.70 -14.88 8.95
N LYS B 325 -24.55 -15.79 9.45
CA LYS B 325 -25.51 -15.50 10.49
C LYS B 325 -24.82 -15.38 11.86
N MET B 326 -23.77 -16.16 12.09
CA MET B 326 -22.94 -16.02 13.29
C MET B 326 -22.34 -14.62 13.41
N LEU B 327 -21.93 -14.07 12.26
CA LEU B 327 -21.38 -12.71 12.20
C LEU B 327 -22.47 -11.65 12.34
N LEU B 328 -23.51 -11.75 11.51
CA LEU B 328 -24.59 -10.76 11.45
C LEU B 328 -25.37 -10.61 12.76
N ASP B 329 -25.46 -11.71 13.52
CA ASP B 329 -26.09 -11.70 14.85
C ASP B 329 -25.30 -10.90 15.87
N ASN B 330 -24.07 -10.54 15.52
CA ASN B 330 -23.20 -9.78 16.39
C ASN B 330 -22.82 -8.41 15.81
N ILE B 331 -23.52 -8.02 14.76
CA ILE B 331 -23.34 -6.70 14.15
C ILE B 331 -24.54 -5.85 14.53
N TYR B 332 -24.26 -4.60 14.88
CA TYR B 332 -25.30 -3.69 15.32
C TYR B 332 -25.34 -2.44 14.47
N THR B 333 -26.55 -1.95 14.26
CA THR B 333 -26.80 -0.70 13.58
C THR B 333 -26.58 0.40 14.63
N PRO B 334 -26.20 1.63 14.19
CA PRO B 334 -25.98 2.71 15.15
C PRO B 334 -27.21 3.02 16.03
N GLU B 335 -28.40 2.80 15.47
CA GLU B 335 -29.65 2.92 16.19
C GLU B 335 -29.76 1.84 17.28
N GLY B 336 -29.19 0.67 17.02
CA GLY B 336 -29.18 -0.44 17.99
C GLY B 336 -29.72 -1.73 17.42
N ILE B 337 -30.06 -1.71 16.14
CA ILE B 337 -30.76 -2.80 15.48
C ILE B 337 -29.78 -3.85 14.95
N ILE B 338 -30.00 -5.11 15.32
CA ILE B 338 -29.31 -6.20 14.67
C ILE B 338 -29.97 -6.42 13.31
N PRO B 339 -29.17 -6.37 12.23
CA PRO B 339 -29.68 -6.56 10.88
C PRO B 339 -30.11 -8.00 10.60
N THR B 340 -30.97 -8.14 9.60
CA THR B 340 -31.40 -9.44 9.10
C THR B 340 -30.79 -9.64 7.72
N LEU B 341 -30.60 -10.90 7.33
CA LEU B 341 -30.02 -11.25 6.04
C LEU B 341 -30.79 -10.62 4.88
N PHE B 342 -30.06 -10.25 3.84
CA PHE B 342 -30.65 -9.80 2.58
C PHE B 342 -31.72 -10.80 2.14
N GLY B 343 -32.89 -10.28 1.76
CA GLY B 343 -34.03 -11.08 1.33
C GLY B 343 -33.74 -12.44 0.72
N PRO B 344 -33.18 -12.47 -0.51
CA PRO B 344 -32.87 -13.70 -1.23
C PRO B 344 -31.99 -14.73 -0.50
N GLU B 345 -31.31 -14.31 0.57
CA GLU B 345 -30.37 -15.18 1.28
C GLU B 345 -30.85 -15.61 2.66
N ARG B 346 -32.15 -15.44 2.91
CA ARG B 346 -32.79 -15.92 4.13
C ARG B 346 -33.25 -17.37 3.97
N GLU B 347 -33.21 -18.09 5.08
CA GLU B 347 -33.63 -19.51 5.13
C GLU B 347 -32.86 -20.42 4.18
N LYS B 348 -31.57 -20.14 4.02
CA LYS B 348 -30.64 -21.05 3.35
C LYS B 348 -30.33 -22.19 4.33
N THR B 349 -30.43 -21.86 5.61
CA THR B 349 -30.42 -22.84 6.71
C THR B 349 -31.38 -22.39 7.83
N GLN B 350 -31.81 -23.35 8.66
CA GLN B 350 -32.85 -23.15 9.69
C GLN B 350 -32.41 -22.15 10.77
N ALA B 351 -32.86 -20.92 10.58
CA ALA B 351 -32.35 -19.68 11.21
C ALA B 351 -31.84 -19.66 12.64
N ILE B 352 -32.66 -18.98 13.44
CA ILE B 352 -32.35 -18.44 14.75
C ILE B 352 -33.70 -17.93 15.22
N ASP B 353 -34.00 -16.64 15.04
CA ASP B 353 -33.06 -15.54 14.83
C ASP B 353 -32.46 -15.17 16.19
N GLY B 354 -31.34 -14.44 16.17
CA GLY B 354 -30.62 -14.09 17.40
C GLY B 354 -30.04 -15.31 18.11
N GLU B 355 -29.86 -16.39 17.37
CA GLU B 355 -29.35 -17.64 17.91
C GLU B 355 -27.86 -17.57 18.19
N PHE B 356 -27.15 -16.69 17.47
CA PHE B 356 -25.69 -16.59 17.61
C PHE B 356 -25.22 -15.30 18.30
N ARG B 357 -26.17 -14.63 18.95
CA ARG B 357 -25.93 -13.43 19.74
C ARG B 357 -24.97 -13.68 20.89
N LEU B 358 -23.85 -12.94 20.91
CA LEU B 358 -22.87 -13.07 21.99
C LEU B 358 -22.88 -11.83 22.88
N ARG B 359 -22.57 -12.04 24.15
CA ARG B 359 -22.59 -10.97 25.16
C ARG B 359 -21.21 -10.39 25.42
N GLY B 360 -21.17 -9.15 25.90
CA GLY B 360 -19.97 -8.48 26.43
C GLY B 360 -18.61 -8.93 25.93
N GLU B 361 -17.83 -9.56 26.81
CA GLU B 361 -16.46 -10.00 26.50
C GLU B 361 -16.41 -11.10 25.42
N GLN B 362 -17.50 -11.85 25.27
CA GLN B 362 -17.56 -12.95 24.32
C GLN B 362 -17.55 -12.49 22.88
N ARG B 363 -18.22 -11.36 22.61
CA ARG B 363 -18.24 -10.79 21.27
C ARG B 363 -16.86 -10.29 20.87
N LYS B 364 -16.17 -9.66 21.83
CA LYS B 364 -14.81 -9.17 21.64
C LYS B 364 -13.83 -10.32 21.39
N THR B 365 -13.98 -11.40 22.17
CA THR B 365 -13.16 -12.60 22.02
C THR B 365 -13.40 -13.25 20.65
N PHE B 366 -14.68 -13.34 20.28
CA PHE B 366 -15.12 -13.85 18.98
C PHE B 366 -14.37 -13.19 17.83
N VAL B 367 -14.33 -11.86 17.84
CA VAL B 367 -13.66 -11.06 16.80
C VAL B 367 -12.15 -11.25 16.85
N GLU B 368 -11.60 -11.22 18.07
CA GLU B 368 -10.18 -11.41 18.32
C GLU B 368 -9.69 -12.78 17.82
N LEU B 369 -10.48 -13.83 18.04
CA LEU B 369 -10.15 -15.17 17.56
C LEU B 369 -10.09 -15.29 16.04
N MET B 370 -10.87 -14.47 15.34
CA MET B 370 -10.87 -14.43 13.87
C MET B 370 -9.74 -13.55 13.34
N ARG B 371 -9.69 -12.32 13.84
CA ARG B 371 -8.75 -11.31 13.37
C ARG B 371 -7.31 -11.49 13.83
N ARG B 372 -7.10 -11.94 15.07
CA ARG B 372 -5.73 -12.18 15.61
C ARG B 372 -5.35 -13.67 15.58
N GLY B 373 -6.31 -14.54 15.88
CA GLY B 373 -6.06 -15.97 15.95
C GLY B 373 -6.06 -16.66 14.60
N ASP B 374 -6.65 -16.00 13.61
CA ASP B 374 -6.78 -16.51 12.23
C ASP B 374 -7.64 -17.76 12.15
N LEU B 375 -8.66 -17.83 12.99
CA LEU B 375 -9.50 -19.02 13.09
C LEU B 375 -10.79 -18.80 12.31
N PRO B 376 -11.38 -19.88 11.76
CA PRO B 376 -12.64 -19.76 11.04
C PRO B 376 -13.79 -19.23 11.91
N VAL B 377 -14.85 -18.76 11.26
CA VAL B 377 -15.99 -18.19 11.98
C VAL B 377 -16.65 -19.19 12.93
N TRP B 378 -16.84 -20.42 12.46
CA TRP B 378 -17.51 -21.46 13.25
C TRP B 378 -16.74 -21.77 14.53
N LEU B 379 -15.43 -21.97 14.39
CA LEU B 379 -14.55 -22.31 15.50
C LEU B 379 -14.44 -21.16 16.50
N SER B 380 -14.25 -19.95 16.00
CA SER B 380 -14.24 -18.74 16.84
C SER B 380 -15.55 -18.60 17.63
N TYR B 381 -16.68 -18.86 16.99
CA TYR B 381 -17.97 -18.81 17.70
C TYR B 381 -18.06 -19.82 18.84
N LYS B 382 -17.59 -21.04 18.58
CA LYS B 382 -17.65 -22.11 19.54
C LYS B 382 -16.79 -21.84 20.77
N VAL B 383 -15.59 -21.28 20.55
CA VAL B 383 -14.69 -20.94 21.65
C VAL B 383 -15.23 -19.74 22.44
N ALA B 384 -15.60 -18.67 21.74
CA ALA B 384 -16.13 -17.45 22.36
C ALA B 384 -17.43 -17.68 23.15
N SER B 385 -18.35 -18.46 22.60
CA SER B 385 -19.63 -18.72 23.27
C SER B 385 -19.52 -19.68 24.45
N ALA B 386 -18.39 -20.37 24.55
CA ALA B 386 -18.11 -21.23 25.70
C ALA B 386 -17.50 -20.46 26.89
N GLY B 387 -17.34 -19.14 26.70
CA GLY B 387 -16.85 -18.26 27.77
C GLY B 387 -15.33 -18.23 27.91
N ILE B 388 -14.63 -18.75 26.90
CA ILE B 388 -13.18 -18.84 26.90
C ILE B 388 -12.58 -17.55 26.36
N SER B 389 -11.54 -17.05 27.03
CA SER B 389 -10.82 -15.86 26.57
C SER B 389 -9.90 -16.18 25.42
N TYR B 390 -9.51 -15.16 24.66
CA TYR B 390 -8.68 -15.33 23.48
C TYR B 390 -7.32 -16.00 23.76
N LYS B 391 -6.73 -15.70 24.91
CA LYS B 391 -5.39 -16.19 25.25
C LYS B 391 -5.39 -17.47 26.09
N ASP B 392 -6.59 -17.93 26.44
CA ASP B 392 -6.77 -19.22 27.10
C ASP B 392 -6.82 -20.32 26.02
N ARG B 393 -5.75 -21.09 25.91
CA ARG B 393 -5.61 -22.12 24.88
C ARG B 393 -5.84 -23.55 25.39
N GLU B 394 -6.42 -23.65 26.59
CA GLU B 394 -6.75 -24.93 27.22
C GLU B 394 -7.60 -25.82 26.32
N TRP B 395 -8.54 -25.21 25.60
CA TRP B 395 -9.49 -25.94 24.78
C TRP B 395 -8.82 -26.75 23.67
N CYS B 396 -7.58 -26.39 23.36
CA CYS B 396 -6.77 -27.08 22.34
C CYS B 396 -6.31 -28.47 22.79
N PHE B 397 -6.50 -28.78 24.07
CA PHE B 397 -5.98 -30.02 24.67
C PHE B 397 -7.01 -30.86 25.43
N THR B 398 -8.20 -30.31 25.62
CA THR B 398 -9.21 -30.94 26.48
C THR B 398 -10.33 -31.66 25.72
N GLY B 399 -10.21 -31.75 24.40
CA GLY B 399 -11.18 -32.45 23.57
C GLY B 399 -11.22 -33.94 23.87
N GLU B 400 -12.35 -34.57 23.51
CA GLU B 400 -12.50 -36.03 23.64
C GLU B 400 -11.42 -36.76 22.83
N ARG B 401 -11.24 -38.04 23.16
CA ARG B 401 -10.20 -38.89 22.59
C ARG B 401 -10.14 -38.83 21.06
N ASN B 402 -11.31 -38.87 20.42
CA ASN B 402 -11.43 -38.84 18.97
C ASN B 402 -11.01 -37.54 18.30
N ASN B 403 -10.87 -36.48 19.09
CA ASN B 403 -10.43 -35.17 18.58
C ASN B 403 -8.91 -35.02 18.46
N GLN B 404 -8.18 -36.08 18.82
CA GLN B 404 -6.73 -36.08 18.67
C GLN B 404 -6.35 -35.83 17.22
N ILE B 405 -5.58 -34.77 17.00
CA ILE B 405 -5.09 -34.44 15.68
C ILE B 405 -3.82 -35.20 15.34
N LEU B 406 -3.83 -35.83 14.17
CA LEU B 406 -2.72 -36.57 13.63
C LEU B 406 -2.05 -35.78 12.52
N GLU B 407 -0.74 -35.97 12.38
CA GLU B 407 0.05 -35.39 11.30
C GLU B 407 1.06 -36.44 10.88
N GLU B 408 1.01 -36.85 9.60
CA GLU B 408 1.85 -37.94 9.10
C GLU B 408 1.61 -39.22 9.90
N ASN B 409 0.34 -39.44 10.29
CA ASN B 409 -0.10 -40.61 11.04
C ASN B 409 0.35 -40.62 12.52
N MET B 410 0.98 -39.54 12.95
CA MET B 410 1.47 -39.43 14.33
C MET B 410 0.64 -38.41 15.11
N GLU B 411 0.51 -38.65 16.41
CA GLU B 411 -0.18 -37.73 17.30
C GLU B 411 0.61 -36.43 17.45
N VAL B 412 -0.04 -35.32 17.14
CA VAL B 412 0.60 -34.00 17.25
C VAL B 412 0.81 -33.66 18.74
N GLU B 413 2.04 -33.30 19.07
CA GLU B 413 2.38 -32.76 20.39
C GLU B 413 2.59 -31.26 20.26
N ILE B 414 2.19 -30.52 21.30
CA ILE B 414 2.43 -29.09 21.39
C ILE B 414 3.33 -28.81 22.58
N TRP B 415 4.31 -27.95 22.40
CA TRP B 415 5.09 -27.41 23.48
C TRP B 415 4.57 -26.00 23.76
N THR B 416 4.10 -25.77 24.98
CA THR B 416 3.43 -24.51 25.32
C THR B 416 4.42 -23.44 25.75
N ARG B 417 3.94 -22.21 25.81
CA ARG B 417 4.70 -21.05 26.28
C ARG B 417 5.46 -21.32 27.57
N GLU B 418 4.90 -22.19 28.41
CA GLU B 418 5.49 -22.48 29.74
C GLU B 418 6.20 -23.82 29.80
N GLY B 419 6.34 -24.47 28.65
CA GLY B 419 7.17 -25.66 28.56
C GLY B 419 6.47 -26.94 28.93
N GLU B 420 5.14 -26.94 28.89
CA GLU B 420 4.35 -28.16 28.99
C GLU B 420 4.23 -28.82 27.63
N LYS B 421 4.32 -30.15 27.62
CA LYS B 421 4.17 -30.94 26.39
C LYS B 421 2.79 -31.57 26.41
N LYS B 422 1.95 -31.17 25.45
CA LYS B 422 0.58 -31.64 25.43
C LYS B 422 0.14 -32.04 24.03
N LYS B 423 -0.70 -33.07 23.96
CA LYS B 423 -1.20 -33.55 22.69
C LYS B 423 -2.29 -32.63 22.16
N LEU B 424 -2.21 -32.28 20.87
CA LEU B 424 -3.24 -31.47 20.21
C LEU B 424 -4.54 -32.26 20.08
N ARG B 425 -5.49 -31.90 20.94
CA ARG B 425 -6.77 -32.57 21.01
C ARG B 425 -7.84 -31.53 21.34
N PRO B 426 -8.23 -30.70 20.33
CA PRO B 426 -9.12 -29.58 20.61
C PRO B 426 -10.56 -30.01 20.92
N LYS B 427 -11.24 -29.20 21.71
CA LYS B 427 -12.61 -29.48 22.12
C LYS B 427 -13.58 -29.39 20.93
N TRP B 428 -13.29 -28.51 19.98
CA TRP B 428 -14.06 -28.40 18.75
C TRP B 428 -13.18 -28.63 17.54
N LEU B 429 -13.65 -29.46 16.61
CA LEU B 429 -12.90 -29.79 15.42
C LEU B 429 -13.35 -29.03 14.20
N ASP B 430 -12.40 -28.32 13.59
CA ASP B 430 -12.63 -27.63 12.34
C ASP B 430 -11.50 -28.01 11.39
N ALA B 431 -11.82 -28.79 10.36
CA ALA B 431 -10.82 -29.31 9.43
C ALA B 431 -9.97 -28.23 8.76
N ARG B 432 -10.51 -27.02 8.69
CA ARG B 432 -9.78 -25.88 8.12
C ARG B 432 -8.50 -25.49 8.89
N VAL B 433 -8.45 -25.75 10.20
CA VAL B 433 -7.23 -25.49 10.97
C VAL B 433 -6.25 -26.67 11.03
N TYR B 434 -6.58 -27.80 10.41
CA TYR B 434 -5.68 -28.97 10.43
C TYR B 434 -5.49 -29.75 9.13
N ALA B 435 -6.38 -29.59 8.16
CA ALA B 435 -6.30 -30.34 6.88
C ALA B 435 -5.02 -30.06 6.10
N ASP B 436 -4.81 -28.80 5.76
CA ASP B 436 -3.58 -28.37 5.09
C ASP B 436 -2.44 -28.29 6.12
N PRO B 437 -1.25 -28.83 5.77
CA PRO B 437 -0.11 -28.79 6.69
C PRO B 437 0.31 -27.37 7.09
N MET B 438 0.14 -26.40 6.19
CA MET B 438 0.46 -25.00 6.49
C MET B 438 -0.54 -24.43 7.50
N ALA B 439 -1.82 -24.73 7.29
CA ALA B 439 -2.88 -24.32 8.22
C ALA B 439 -2.68 -24.93 9.62
N LEU B 440 -2.29 -26.21 9.67
CA LEU B 440 -1.97 -26.90 10.92
C LEU B 440 -0.78 -26.31 11.67
N LYS B 441 0.28 -25.91 10.95
CA LYS B 441 1.42 -25.24 11.58
C LYS B 441 0.98 -23.97 12.31
N ASP B 442 0.13 -23.18 11.66
CA ASP B 442 -0.42 -21.96 12.24
C ASP B 442 -1.24 -22.25 13.48
N PHE B 443 -2.03 -23.33 13.42
CA PHE B 443 -2.85 -23.75 14.54
C PHE B 443 -2.01 -24.31 15.68
N LYS B 444 -0.83 -24.83 15.34
CA LYS B 444 0.13 -25.30 16.31
C LYS B 444 0.79 -24.14 17.03
N GLU B 445 1.06 -23.06 16.29
CA GLU B 445 1.52 -21.81 16.87
C GLU B 445 0.46 -21.21 17.79
N PHE B 446 -0.80 -21.30 17.37
CA PHE B 446 -1.94 -20.85 18.18
C PHE B 446 -2.04 -21.62 19.50
N ALA B 447 -2.04 -22.94 19.42
CA ALA B 447 -2.12 -23.81 20.60
C ALA B 447 -0.94 -23.63 21.56
N SER B 448 0.20 -23.18 21.03
CA SER B 448 1.40 -22.90 21.81
C SER B 448 1.26 -21.68 22.71
N GLY B 449 0.40 -20.74 22.28
CA GLY B 449 0.27 -19.45 22.95
C GLY B 449 1.12 -18.40 22.28
N ARG B 450 1.57 -18.70 21.06
CA ARG B 450 2.45 -17.82 20.31
C ARG B 450 1.71 -16.98 19.26
N LYS B 451 0.38 -17.00 19.33
CA LYS B 451 -0.46 -16.13 18.50
C LYS B 451 -1.50 -15.42 19.35
PB ADP E . 23.88 1.11 -4.69
O1B ADP E . 22.76 1.00 -3.67
O2B ADP E . 23.72 2.27 -5.64
O3B ADP E . 25.26 0.99 -4.09
PA ADP E . 22.43 -1.14 -5.73
O1A ADP E . 22.51 -2.08 -4.55
O2A ADP E . 21.16 -0.36 -5.92
O3A ADP E . 23.71 -0.16 -5.67
O5' ADP E . 22.70 -1.99 -7.07
C5' ADP E . 23.94 -2.64 -7.34
C4' ADP E . 24.01 -3.12 -8.80
O4' ADP E . 22.89 -3.95 -9.11
C3' ADP E . 23.97 -1.98 -9.80
O3' ADP E . 24.86 -2.27 -10.87
C2' ADP E . 22.55 -2.00 -10.33
O2' ADP E . 22.46 -1.49 -11.66
C1' ADP E . 22.19 -3.48 -10.25
N9 ADP E . 20.74 -3.73 -10.15
C8 ADP E . 19.89 -3.20 -9.24
N7 ADP E . 18.63 -3.65 -9.43
C5 ADP E . 18.66 -4.50 -10.46
C6 ADP E . 17.66 -5.34 -11.19
N6 ADP E . 16.35 -5.35 -10.81
N1 ADP E . 18.11 -6.09 -12.23
C2 ADP E . 19.40 -6.09 -12.61
N3 ADP E . 20.35 -5.36 -12.00
C4 ADP E . 20.04 -4.56 -10.94
P PO4 F . 24.56 5.75 -4.90
O1 PO4 F . 23.52 5.79 -3.81
O2 PO4 F . 25.07 7.14 -5.16
O3 PO4 F . 25.68 4.87 -4.41
O4 PO4 F . 23.95 5.20 -6.17
MN MN G . 21.48 2.52 -2.98
C1 GOL H . 26.13 -16.70 -0.58
O1 GOL H . 27.45 -16.37 -0.21
C2 GOL H . 25.93 -18.21 -0.50
O2 GOL H . 26.07 -18.64 0.83
C3 GOL H . 24.52 -18.57 -0.98
O3 GOL H . 24.52 -18.85 -2.37
PB ADP I . -18.16 -5.87 -15.72
O1B ADP I . -17.81 -5.18 -14.42
O2B ADP I . -17.72 -7.31 -15.77
O3B ADP I . -19.58 -5.63 -16.19
PA ADP I . -16.02 -4.13 -16.59
O1A ADP I . -16.59 -2.83 -16.07
O2A ADP I . -14.91 -4.80 -15.82
O3A ADP I . -17.24 -5.17 -16.84
O5' ADP I . -15.52 -3.90 -18.10
C5' ADP I . -16.43 -3.49 -19.13
C4' ADP I . -15.76 -3.57 -20.50
O4' ADP I . -14.55 -2.83 -20.48
C3' ADP I . -15.42 -5.01 -20.88
O3' ADP I . -15.68 -5.24 -22.26
C2' ADP I . -13.92 -5.06 -20.63
O2' ADP I . -13.29 -6.04 -21.44
C1' ADP I . -13.48 -3.65 -20.95
N9 ADP I . -12.21 -3.32 -20.26
C8 ADP I . -11.97 -3.44 -18.94
N7 ADP I . -10.70 -3.08 -18.66
C5 ADP I . -10.10 -2.72 -19.81
C6 ADP I . -8.77 -2.21 -20.23
N6 ADP I . -7.77 -2.04 -19.32
N1 ADP I . -8.58 -1.95 -21.56
C2 ADP I . -9.55 -2.13 -22.48
N3 ADP I . -10.79 -2.58 -22.16
C4 ADP I . -11.11 -2.88 -20.87
P PO4 J . -19.00 -10.22 -14.33
O1 PO4 J . -17.74 -10.24 -15.16
O2 PO4 J . -19.98 -9.22 -14.86
O3 PO4 J . -19.60 -11.60 -14.35
O4 PO4 J . -18.70 -9.83 -12.91
MN MN K . -17.03 -6.08 -12.54
C1 GOL L . -18.70 13.94 -21.31
O1 GOL L . -17.51 13.26 -21.63
C2 GOL L . -19.66 13.08 -20.51
O2 GOL L . -20.37 13.89 -19.60
C3 GOL L . -20.63 12.39 -21.47
O3 GOL L . -21.55 11.59 -20.76
#